data_3O7M
#
_entry.id   3O7M
#
_cell.length_a   122.499
_cell.length_b   122.499
_cell.length_c   119.685
_cell.angle_alpha   90.00
_cell.angle_beta   90.00
_cell.angle_gamma   90.00
#
_symmetry.space_group_name_H-M   'P 41 21 2'
#
loop_
_entity.id
_entity.type
_entity.pdbx_description
1 polymer 'Hypoxanthine phosphoribosyltransferase'
2 non-polymer GLYCEROL
3 non-polymer 'SULFATE ION'
4 non-polymer BETA-MERCAPTOETHANOL
5 water water
#
_entity_poly.entity_id   1
_entity_poly.type   'polypeptide(L)'
_entity_poly.pdbx_seq_one_letter_code
;SNAMNIEIKDTLISEEQLQEKVKELALQIERDFEGEEIVVIAVLKGSFVFAADLIRHIKNDVTIDFISASSYGNQTETTG
KVKLLKDIDVNITGKNVIVVEDIIDSGLTLHFLKDHFFMHKPKALKFCTLLDKPERRKVDLTAEYVGFQIPDEFIVGYGI
DCAEKYRNLPFIASVVTEESYNLKSR
;
_entity_poly.pdbx_strand_id   A,B,C,D
#
loop_
_chem_comp.id
_chem_comp.type
_chem_comp.name
_chem_comp.formula
BME non-polymer BETA-MERCAPTOETHANOL 'C2 H6 O S'
GOL non-polymer GLYCEROL 'C3 H8 O3'
SO4 non-polymer 'SULFATE ION' 'O4 S -2'
#
# COMPACT_ATOMS: atom_id res chain seq x y z
N ASN A 5 4.20 7.85 -33.19
CA ASN A 5 2.83 7.63 -32.68
C ASN A 5 2.49 6.17 -32.83
N ILE A 6 1.55 5.74 -32.00
CA ILE A 6 1.08 4.37 -32.03
C ILE A 6 -0.31 4.37 -32.66
N GLU A 7 -0.61 3.37 -33.49
CA GLU A 7 -1.92 3.28 -34.08
C GLU A 7 -2.36 1.82 -34.11
N ILE A 8 -3.66 1.64 -34.10
CA ILE A 8 -4.25 0.33 -34.24
C ILE A 8 -3.91 -0.19 -35.63
N LYS A 9 -3.55 -1.45 -35.69
CA LYS A 9 -3.29 -2.11 -36.92
C LYS A 9 -4.47 -3.03 -37.25
N ASP A 10 -4.60 -4.15 -36.56
CA ASP A 10 -5.69 -5.08 -36.86
C ASP A 10 -6.50 -5.50 -35.63
N THR A 11 -7.75 -5.93 -35.86
CA THR A 11 -8.53 -6.56 -34.82
C THR A 11 -8.03 -7.99 -34.75
N LEU A 12 -7.68 -8.45 -33.56
CA LEU A 12 -7.14 -9.80 -33.38
C LEU A 12 -8.19 -10.76 -32.84
N ILE A 13 -9.03 -10.26 -31.95
CA ILE A 13 -10.11 -11.02 -31.38
C ILE A 13 -11.29 -10.07 -31.21
N SER A 14 -12.40 -10.37 -31.87
CA SER A 14 -13.59 -9.52 -31.80
C SER A 14 -14.29 -9.59 -30.45
N GLU A 15 -15.20 -8.65 -30.21
CA GLU A 15 -16.01 -8.62 -28.99
C GLU A 15 -16.79 -9.93 -28.81
N GLU A 16 -17.40 -10.39 -29.91
CA GLU A 16 -18.14 -11.67 -29.89
C GLU A 16 -17.24 -12.86 -29.57
N GLN A 17 -16.07 -12.92 -30.19
CA GLN A 17 -15.11 -14.02 -29.93
C GLN A 17 -14.66 -14.04 -28.51
N LEU A 18 -14.44 -12.85 -27.95
CA LEU A 18 -14.09 -12.75 -26.56
C LEU A 18 -15.21 -13.26 -25.65
N GLN A 19 -16.44 -12.87 -25.92
N GLN A 19 -16.43 -12.89 -25.96
CA GLN A 19 -17.51 -13.33 -25.04
CA GLN A 19 -17.58 -13.33 -25.17
C GLN A 19 -17.73 -14.86 -25.17
C GLN A 19 -17.69 -14.85 -25.19
N GLU A 20 -17.56 -15.41 -26.38
CA GLU A 20 -17.68 -16.85 -26.57
C GLU A 20 -16.60 -17.58 -25.76
N LYS A 21 -15.40 -17.03 -25.73
CA LYS A 21 -14.28 -17.67 -25.03
C LYS A 21 -14.42 -17.53 -23.51
N VAL A 22 -14.87 -16.38 -23.05
CA VAL A 22 -15.11 -16.21 -21.65
C VAL A 22 -16.13 -17.21 -21.13
N LYS A 23 -17.19 -17.42 -21.88
CA LYS A 23 -18.22 -18.40 -21.54
C LYS A 23 -17.62 -19.82 -21.46
N GLU A 24 -16.78 -20.15 -22.43
N GLU A 24 -16.79 -20.20 -22.43
CA GLU A 24 -16.11 -21.45 -22.50
CA GLU A 24 -16.15 -21.54 -22.39
C GLU A 24 -15.22 -21.72 -21.27
C GLU A 24 -15.30 -21.71 -21.14
N LEU A 25 -14.47 -20.71 -20.88
CA LEU A 25 -13.57 -20.79 -19.72
C LEU A 25 -14.36 -20.86 -18.41
N ALA A 26 -15.40 -20.04 -18.27
CA ALA A 26 -16.28 -20.09 -17.09
C ALA A 26 -16.90 -21.47 -16.92
N LEU A 27 -17.35 -22.05 -18.03
CA LEU A 27 -17.89 -23.40 -17.99
C LEU A 27 -16.84 -24.42 -17.50
N GLN A 28 -15.60 -24.30 -17.95
CA GLN A 28 -14.58 -25.25 -17.53
C GLN A 28 -14.29 -25.08 -16.04
N ILE A 29 -14.21 -23.84 -15.61
CA ILE A 29 -14.01 -23.55 -14.20
C ILE A 29 -15.14 -24.10 -13.35
N GLU A 30 -16.37 -23.89 -13.79
CA GLU A 30 -17.55 -24.40 -13.07
C GLU A 30 -17.48 -25.92 -12.97
N ARG A 31 -17.00 -26.58 -14.02
CA ARG A 31 -16.91 -28.05 -13.96
C ARG A 31 -15.78 -28.53 -13.05
N ASP A 32 -14.62 -27.89 -13.15
CA ASP A 32 -13.48 -28.23 -12.33
C ASP A 32 -13.72 -28.02 -10.84
N PHE A 33 -14.59 -27.08 -10.49
CA PHE A 33 -14.89 -26.79 -9.09
C PHE A 33 -16.34 -26.96 -8.77
N GLU A 34 -17.00 -27.90 -9.45
CA GLU A 34 -18.43 -28.13 -9.27
C GLU A 34 -18.74 -28.44 -7.83
N GLY A 35 -19.71 -27.72 -7.30
CA GLY A 35 -20.18 -27.87 -5.95
C GLY A 35 -19.35 -27.16 -4.91
N GLU A 36 -18.32 -26.41 -5.33
CA GLU A 36 -17.41 -25.79 -4.40
C GLU A 36 -17.37 -24.26 -4.55
N GLU A 37 -16.93 -23.59 -3.50
CA GLU A 37 -16.71 -22.15 -3.55
C GLU A 37 -15.40 -21.89 -4.27
N ILE A 38 -15.29 -20.72 -4.86
CA ILE A 38 -14.07 -20.34 -5.53
C ILE A 38 -13.72 -18.92 -5.13
N VAL A 39 -12.44 -18.64 -5.00
CA VAL A 39 -11.98 -17.30 -4.75
C VAL A 39 -11.26 -16.87 -6.05
N VAL A 40 -11.70 -15.79 -6.65
CA VAL A 40 -11.08 -15.30 -7.86
C VAL A 40 -10.25 -14.06 -7.52
N ILE A 41 -8.95 -14.10 -7.80
CA ILE A 41 -8.05 -12.98 -7.53
C ILE A 41 -7.58 -12.42 -8.85
N ALA A 42 -8.00 -11.20 -9.15
CA ALA A 42 -7.58 -10.49 -10.34
C ALA A 42 -6.30 -9.70 -10.13
N VAL A 43 -5.36 -9.88 -11.03
CA VAL A 43 -4.11 -9.15 -11.00
C VAL A 43 -4.33 -7.80 -11.67
N LEU A 44 -4.23 -6.73 -10.90
CA LEU A 44 -4.44 -5.41 -11.48
C LEU A 44 -3.27 -5.01 -12.38
N LYS A 45 -3.48 -4.12 -13.34
CA LYS A 45 -4.77 -3.50 -13.61
C LYS A 45 -5.50 -4.15 -14.76
N GLY A 46 -4.75 -4.58 -15.77
CA GLY A 46 -5.33 -5.03 -17.04
C GLY A 46 -6.33 -6.17 -17.08
N SER A 47 -6.38 -6.98 -16.04
CA SER A 47 -7.25 -8.10 -16.08
C SER A 47 -8.68 -7.77 -15.63
N PHE A 48 -8.93 -6.54 -15.19
CA PHE A 48 -10.22 -6.26 -14.54
C PHE A 48 -11.42 -6.45 -15.44
N VAL A 49 -11.26 -6.20 -16.73
CA VAL A 49 -12.40 -6.34 -17.67
C VAL A 49 -12.72 -7.82 -17.87
N PHE A 50 -11.68 -8.60 -18.15
CA PHE A 50 -11.79 -10.03 -18.30
C PHE A 50 -12.42 -10.62 -17.04
N ALA A 51 -11.93 -10.21 -15.88
CA ALA A 51 -12.46 -10.72 -14.61
C ALA A 51 -13.92 -10.42 -14.42
N ALA A 52 -14.31 -9.20 -14.72
CA ALA A 52 -15.70 -8.73 -14.61
C ALA A 52 -16.61 -9.61 -15.46
N ASP A 53 -16.17 -9.91 -16.68
CA ASP A 53 -16.95 -10.73 -17.61
C ASP A 53 -16.93 -12.18 -17.20
N LEU A 54 -15.78 -12.66 -16.81
CA LEU A 54 -15.65 -14.06 -16.45
C LEU A 54 -16.54 -14.44 -15.24
N ILE A 55 -16.45 -13.65 -14.18
CA ILE A 55 -17.23 -14.00 -12.99
C ILE A 55 -18.74 -13.98 -13.18
N ARG A 56 -19.20 -13.20 -14.13
CA ARG A 56 -20.61 -13.13 -14.41
C ARG A 56 -21.10 -14.38 -15.16
N HIS A 57 -20.20 -15.29 -15.53
CA HIS A 57 -20.65 -16.58 -16.12
C HIS A 57 -20.34 -17.74 -15.21
N ILE A 58 -19.76 -17.44 -14.05
CA ILE A 58 -19.46 -18.49 -13.08
C ILE A 58 -20.55 -18.42 -12.02
N LYS A 59 -21.33 -19.48 -11.90
CA LYS A 59 -22.43 -19.50 -10.95
C LYS A 59 -22.11 -20.01 -9.58
N ASN A 60 -20.92 -20.59 -9.40
CA ASN A 60 -20.49 -21.01 -8.07
C ASN A 60 -20.49 -19.80 -7.16
N ASP A 61 -20.49 -20.06 -5.84
CA ASP A 61 -20.27 -19.04 -4.78
C ASP A 61 -18.87 -18.57 -5.10
N VAL A 62 -18.77 -17.30 -5.43
CA VAL A 62 -17.49 -16.71 -5.81
C VAL A 62 -17.16 -15.53 -4.88
N THR A 63 -15.91 -15.48 -4.43
CA THR A 63 -15.37 -14.33 -3.70
C THR A 63 -14.35 -13.71 -4.65
N ILE A 64 -14.25 -12.39 -4.71
CA ILE A 64 -13.29 -11.72 -5.59
C ILE A 64 -12.37 -10.82 -4.80
N ASP A 65 -11.10 -10.77 -5.18
CA ASP A 65 -10.19 -9.83 -4.58
C ASP A 65 -9.17 -9.48 -5.64
N PHE A 66 -8.34 -8.50 -5.32
CA PHE A 66 -7.33 -8.00 -6.20
C PHE A 66 -5.92 -8.03 -5.60
N ILE A 67 -4.94 -8.14 -6.47
CA ILE A 67 -3.57 -8.10 -6.10
C ILE A 67 -2.83 -7.20 -7.04
N SER A 68 -1.85 -6.49 -6.50
N SER A 68 -1.82 -6.53 -6.52
CA SER A 68 -1.00 -5.60 -7.30
CA SER A 68 -1.02 -5.63 -7.33
C SER A 68 0.47 -5.85 -6.97
C SER A 68 0.46 -5.81 -6.98
N ALA A 69 1.27 -6.01 -8.02
CA ALA A 69 2.68 -6.25 -7.88
C ALA A 69 3.40 -5.50 -9.00
N SER A 70 4.68 -5.24 -8.81
CA SER A 70 5.50 -4.65 -9.87
C SER A 70 6.87 -5.30 -9.73
N SER A 71 7.43 -5.79 -10.85
CA SER A 71 8.75 -6.44 -10.82
C SER A 71 9.83 -5.48 -11.27
N TYR A 72 11.09 -5.84 -11.00
CA TYR A 72 12.26 -5.02 -11.34
C TYR A 72 13.51 -5.88 -11.63
N GLY A 73 14.62 -5.24 -12.00
CA GLY A 73 15.90 -5.95 -12.24
C GLY A 73 16.22 -6.24 -13.69
N LYS A 81 13.56 -9.05 -7.23
CA LYS A 81 12.51 -9.93 -7.70
C LYS A 81 11.22 -9.20 -8.13
N VAL A 82 10.25 -9.23 -7.23
CA VAL A 82 8.94 -8.64 -7.47
C VAL A 82 8.50 -8.01 -6.16
N LYS A 83 7.89 -6.84 -6.26
N LYS A 83 7.85 -6.86 -6.28
CA LYS A 83 7.42 -6.10 -5.09
CA LYS A 83 7.39 -6.08 -5.16
C LYS A 83 5.91 -6.18 -5.03
C LYS A 83 5.88 -6.21 -5.06
N LEU A 84 5.36 -6.42 -3.85
CA LEU A 84 3.93 -6.49 -3.66
C LEU A 84 3.44 -5.08 -3.29
N LEU A 85 2.53 -4.52 -4.08
CA LEU A 85 2.00 -3.17 -3.84
C LEU A 85 0.70 -3.19 -3.03
N LYS A 86 -0.15 -4.17 -3.29
CA LYS A 86 -1.42 -4.33 -2.59
C LYS A 86 -1.64 -5.81 -2.50
N ASP A 87 -1.66 -6.32 -1.27
CA ASP A 87 -1.85 -7.74 -0.96
C ASP A 87 -3.35 -7.97 -0.88
N ILE A 88 -3.75 -9.23 -0.87
CA ILE A 88 -5.15 -9.55 -0.73
C ILE A 88 -5.69 -9.37 0.68
N ASP A 89 -6.99 -9.05 0.77
CA ASP A 89 -7.68 -8.96 2.06
C ASP A 89 -8.42 -10.26 2.40
N VAL A 90 -8.89 -10.98 1.40
CA VAL A 90 -9.66 -12.16 1.68
C VAL A 90 -8.85 -13.35 2.15
N ASN A 91 -9.56 -14.27 2.79
CA ASN A 91 -8.95 -15.50 3.26
C ASN A 91 -8.97 -16.56 2.15
N ILE A 92 -7.80 -17.07 1.75
CA ILE A 92 -7.73 -18.15 0.78
C ILE A 92 -7.22 -19.46 1.39
N THR A 93 -7.02 -19.48 2.71
CA THR A 93 -6.56 -20.68 3.37
C THR A 93 -7.63 -21.78 3.27
N GLY A 94 -7.25 -22.91 2.69
CA GLY A 94 -8.18 -24.04 2.48
C GLY A 94 -9.19 -23.75 1.39
N LYS A 95 -8.97 -22.73 0.54
CA LYS A 95 -9.91 -22.42 -0.51
C LYS A 95 -9.34 -22.69 -1.89
N ASN A 96 -10.26 -22.77 -2.84
CA ASN A 96 -9.94 -22.95 -4.24
C ASN A 96 -9.71 -21.59 -4.83
N VAL A 97 -8.52 -21.37 -5.36
CA VAL A 97 -8.17 -20.06 -5.84
C VAL A 97 -7.85 -20.03 -7.34
N ILE A 98 -8.46 -19.10 -8.04
CA ILE A 98 -8.13 -18.88 -9.43
C ILE A 98 -7.61 -17.44 -9.59
N VAL A 99 -6.37 -17.33 -10.04
CA VAL A 99 -5.72 -16.04 -10.25
C VAL A 99 -5.90 -15.67 -11.73
N VAL A 100 -6.47 -14.49 -11.95
CA VAL A 100 -6.88 -14.06 -13.27
C VAL A 100 -5.95 -12.98 -13.79
N GLU A 101 -5.44 -13.21 -15.00
CA GLU A 101 -4.52 -12.29 -15.68
C GLU A 101 -4.96 -11.97 -17.09
N ASP A 102 -4.47 -10.84 -17.61
CA ASP A 102 -4.77 -10.46 -18.99
C ASP A 102 -3.82 -11.22 -19.96
N ILE A 103 -2.53 -11.18 -19.66
CA ILE A 103 -1.54 -11.84 -20.47
C ILE A 103 -0.40 -12.36 -19.61
N ILE A 104 0.12 -13.52 -19.99
CA ILE A 104 1.30 -14.07 -19.34
C ILE A 104 2.36 -14.23 -20.43
N ASP A 105 3.51 -13.59 -20.25
CA ASP A 105 4.60 -13.75 -21.20
C ASP A 105 5.81 -14.26 -20.46
N SER A 106 6.60 -13.41 -19.80
CA SER A 106 7.78 -13.91 -19.07
C SER A 106 7.40 -14.83 -17.90
N GLY A 107 6.27 -14.51 -17.27
CA GLY A 107 5.76 -15.27 -16.12
C GLY A 107 6.46 -14.96 -14.78
N LEU A 108 7.37 -14.00 -14.79
CA LEU A 108 8.15 -13.70 -13.55
C LEU A 108 7.27 -13.19 -12.39
N THR A 109 6.47 -12.18 -12.65
CA THR A 109 5.57 -11.66 -11.65
C THR A 109 4.60 -12.72 -11.14
N LEU A 110 3.94 -13.42 -12.06
CA LEU A 110 2.98 -14.41 -11.64
C LEU A 110 3.62 -15.57 -10.88
N HIS A 111 4.86 -15.93 -11.25
CA HIS A 111 5.55 -17.00 -10.56
C HIS A 111 5.76 -16.62 -9.06
N PHE A 112 6.07 -15.36 -8.85
CA PHE A 112 6.29 -14.84 -7.51
C PHE A 112 4.94 -14.79 -6.81
N LEU A 113 3.89 -14.34 -7.49
CA LEU A 113 2.55 -14.35 -6.89
C LEU A 113 2.14 -15.78 -6.51
N LYS A 114 2.49 -16.75 -7.32
CA LYS A 114 2.20 -18.14 -7.03
C LYS A 114 2.82 -18.59 -5.72
N ASP A 115 4.11 -18.31 -5.54
CA ASP A 115 4.76 -18.65 -4.30
C ASP A 115 4.11 -17.88 -3.14
N HIS A 116 3.78 -16.62 -3.38
CA HIS A 116 3.15 -15.80 -2.32
C HIS A 116 1.81 -16.41 -1.88
N PHE A 117 0.95 -16.74 -2.85
CA PHE A 117 -0.35 -17.35 -2.51
C PHE A 117 -0.18 -18.71 -1.85
N PHE A 118 0.79 -19.51 -2.31
CA PHE A 118 1.01 -20.80 -1.65
C PHE A 118 1.32 -20.65 -0.15
N MET A 119 1.92 -19.52 0.26
CA MET A 119 2.17 -19.30 1.66
C MET A 119 0.90 -19.19 2.50
N HIS A 120 -0.21 -18.85 1.86
CA HIS A 120 -1.53 -18.78 2.51
C HIS A 120 -2.20 -20.17 2.64
N LYS A 121 -1.55 -21.21 2.11
CA LYS A 121 -2.03 -22.60 2.14
C LYS A 121 -3.45 -22.80 1.56
N PRO A 122 -3.64 -22.41 0.31
CA PRO A 122 -4.94 -22.67 -0.34
C PRO A 122 -5.12 -24.14 -0.63
N LYS A 123 -6.36 -24.58 -0.80
CA LYS A 123 -6.67 -25.95 -1.18
C LYS A 123 -6.19 -26.18 -2.62
N ALA A 124 -6.46 -25.20 -3.52
CA ALA A 124 -6.06 -25.30 -4.90
C ALA A 124 -5.70 -23.91 -5.41
N LEU A 125 -4.73 -23.83 -6.32
CA LEU A 125 -4.28 -22.57 -6.88
C LEU A 125 -4.04 -22.74 -8.39
N LYS A 126 -4.88 -22.07 -9.17
CA LYS A 126 -4.83 -22.19 -10.65
C LYS A 126 -4.77 -20.82 -11.25
N PHE A 127 -4.19 -20.74 -12.43
CA PHE A 127 -4.04 -19.49 -13.14
C PHE A 127 -4.87 -19.48 -14.41
N CYS A 128 -5.58 -18.38 -14.63
CA CYS A 128 -6.46 -18.19 -15.75
C CYS A 128 -6.04 -16.91 -16.48
N THR A 129 -5.55 -17.05 -17.70
CA THR A 129 -5.11 -15.89 -18.48
C THR A 129 -5.91 -15.80 -19.75
N LEU A 130 -6.29 -14.58 -20.12
CA LEU A 130 -7.00 -14.41 -21.37
C LEU A 130 -6.09 -14.77 -22.54
N LEU A 131 -4.84 -14.28 -22.47
CA LEU A 131 -3.82 -14.43 -23.51
C LEU A 131 -2.56 -15.06 -22.94
N ASP A 132 -1.93 -15.91 -23.71
CA ASP A 132 -0.72 -16.56 -23.26
C ASP A 132 0.32 -16.50 -24.35
N LYS A 133 1.55 -16.22 -23.93
CA LYS A 133 2.74 -16.24 -24.81
C LYS A 133 3.77 -17.14 -24.13
N PRO A 134 3.52 -18.46 -24.19
CA PRO A 134 4.40 -19.42 -23.54
C PRO A 134 5.82 -19.35 -24.08
N GLU A 135 5.94 -19.02 -25.36
CA GLU A 135 7.25 -18.90 -25.98
C GLU A 135 8.12 -17.81 -25.34
N ARG A 136 7.50 -16.86 -24.63
CA ARG A 136 8.24 -15.76 -23.99
C ARG A 136 8.56 -16.02 -22.53
N ARG A 137 8.31 -17.23 -22.06
CA ARG A 137 8.57 -17.55 -20.65
C ARG A 137 10.02 -17.43 -20.24
N LYS A 138 10.24 -16.86 -19.05
CA LYS A 138 11.57 -16.80 -18.45
C LYS A 138 11.62 -17.70 -17.20
N VAL A 139 10.47 -18.22 -16.80
CA VAL A 139 10.41 -19.19 -15.71
C VAL A 139 9.23 -20.10 -16.04
N ASP A 140 9.18 -21.29 -15.43
N ASP A 140 9.18 -21.28 -15.42
CA ASP A 140 8.11 -22.26 -15.70
CA ASP A 140 8.08 -22.19 -15.68
C ASP A 140 6.85 -21.88 -14.94
C ASP A 140 6.87 -21.71 -14.94
N LEU A 141 5.79 -21.52 -15.69
CA LEU A 141 4.51 -21.14 -15.09
C LEU A 141 3.47 -21.51 -16.14
N THR A 142 2.79 -22.61 -15.92
CA THR A 142 1.79 -23.09 -16.87
C THR A 142 0.39 -22.70 -16.39
N ALA A 143 -0.34 -21.92 -17.18
CA ALA A 143 -1.68 -21.55 -16.80
C ALA A 143 -2.64 -22.69 -17.07
N GLU A 144 -3.53 -22.97 -16.15
CA GLU A 144 -4.51 -24.03 -16.33
C GLU A 144 -5.62 -23.61 -17.28
N TYR A 145 -5.95 -22.33 -17.32
CA TYR A 145 -7.02 -21.83 -18.20
C TYR A 145 -6.39 -20.74 -19.07
N VAL A 146 -6.54 -20.87 -20.39
CA VAL A 146 -5.95 -19.92 -21.35
C VAL A 146 -7.00 -19.62 -22.41
N GLY A 147 -7.29 -18.35 -22.59
CA GLY A 147 -8.25 -17.95 -23.63
C GLY A 147 -7.70 -18.17 -25.03
N PHE A 148 -6.58 -17.53 -25.31
CA PHE A 148 -6.01 -17.54 -26.63
C PHE A 148 -4.49 -17.46 -26.57
N GLN A 149 -3.88 -17.94 -27.65
CA GLN A 149 -2.45 -17.86 -27.83
C GLN A 149 -2.35 -17.02 -29.11
N ILE A 150 -1.91 -15.79 -28.94
CA ILE A 150 -1.85 -14.77 -30.00
C ILE A 150 -0.42 -14.30 -30.24
N PRO A 151 0.00 -14.20 -31.52
CA PRO A 151 1.40 -13.93 -31.82
C PRO A 151 1.84 -12.48 -31.93
N ASP A 152 0.88 -11.58 -32.10
CA ASP A 152 1.19 -10.17 -32.32
C ASP A 152 2.05 -9.55 -31.22
N GLU A 153 2.94 -8.68 -31.66
CA GLU A 153 3.90 -8.08 -30.79
C GLU A 153 3.28 -7.16 -29.72
N PHE A 154 2.45 -6.21 -30.14
CA PHE A 154 1.85 -5.26 -29.20
C PHE A 154 0.33 -5.39 -29.30
N ILE A 155 -0.26 -5.80 -28.18
CA ILE A 155 -1.67 -6.13 -28.11
C ILE A 155 -2.34 -5.17 -27.12
N VAL A 156 -3.51 -4.69 -27.48
CA VAL A 156 -4.26 -3.76 -26.63
C VAL A 156 -5.75 -4.12 -26.69
N GLY A 157 -6.50 -3.50 -25.80
CA GLY A 157 -7.92 -3.68 -25.75
C GLY A 157 -8.40 -4.53 -24.59
N TYR A 158 -9.70 -4.43 -24.31
CA TYR A 158 -10.40 -5.28 -23.32
C TYR A 158 -9.59 -5.32 -22.00
N GLY A 159 -9.24 -4.14 -21.52
CA GLY A 159 -8.46 -3.95 -20.27
C GLY A 159 -6.97 -3.74 -20.45
N ILE A 160 -6.42 -4.18 -21.59
CA ILE A 160 -4.99 -4.16 -21.86
C ILE A 160 -4.55 -2.86 -22.53
N ASP A 161 -3.52 -2.22 -21.99
CA ASP A 161 -3.12 -0.94 -22.52
C ASP A 161 -1.82 -0.90 -23.31
N CYS A 162 -1.67 0.21 -24.03
N CYS A 162 -1.57 0.26 -23.91
CA CYS A 162 -0.36 0.59 -24.56
CA CYS A 162 -0.28 0.54 -24.54
C CYS A 162 -0.14 1.98 -23.99
C CYS A 162 -0.01 1.97 -24.10
N ALA A 163 0.81 2.11 -23.06
CA ALA A 163 1.11 3.42 -22.47
C ALA A 163 -0.16 4.05 -21.86
N GLU A 164 -0.95 3.22 -21.17
CA GLU A 164 -2.20 3.57 -20.49
C GLU A 164 -3.41 3.78 -21.41
N LYS A 165 -3.20 3.73 -22.73
CA LYS A 165 -4.26 3.91 -23.75
C LYS A 165 -4.84 2.56 -24.23
N TYR A 166 -6.08 2.63 -24.73
CA TYR A 166 -6.78 1.53 -25.40
C TYR A 166 -7.43 0.47 -24.54
N ARG A 167 -7.40 0.64 -23.22
CA ARG A 167 -8.04 -0.34 -22.34
C ARG A 167 -9.55 -0.40 -22.56
N ASN A 168 -10.12 0.70 -23.04
CA ASN A 168 -11.55 0.80 -23.30
C ASN A 168 -12.08 0.10 -24.59
N LEU A 169 -11.20 -0.38 -25.45
CA LEU A 169 -11.68 -1.05 -26.65
C LEU A 169 -12.43 -2.30 -26.26
N PRO A 170 -13.56 -2.58 -26.93
CA PRO A 170 -14.24 -3.80 -26.54
C PRO A 170 -13.73 -5.04 -27.24
N PHE A 171 -12.66 -4.91 -28.02
CA PHE A 171 -12.09 -6.03 -28.73
C PHE A 171 -10.60 -5.92 -28.49
N ILE A 172 -9.89 -6.95 -28.89
CA ILE A 172 -8.44 -6.98 -28.76
C ILE A 172 -7.84 -6.69 -30.12
N ALA A 173 -6.88 -5.77 -30.14
CA ALA A 173 -6.24 -5.31 -31.36
C ALA A 173 -4.75 -5.31 -31.24
N SER A 174 -4.07 -5.28 -32.37
CA SER A 174 -2.65 -5.05 -32.39
C SER A 174 -2.42 -3.57 -32.62
N VAL A 175 -1.30 -3.05 -32.14
CA VAL A 175 -0.88 -1.70 -32.44
C VAL A 175 0.54 -1.74 -32.99
N VAL A 176 0.87 -0.76 -33.79
CA VAL A 176 2.20 -0.61 -34.32
C VAL A 176 2.60 0.85 -34.30
N THR A 177 3.88 1.12 -34.53
CA THR A 177 4.34 2.49 -34.70
C THR A 177 4.17 2.90 -36.16
N ILE B 6 -3.70 2.41 32.37
CA ILE B 6 -2.31 2.00 31.98
C ILE B 6 -1.27 2.80 32.75
N GLU B 7 -0.57 2.14 33.66
CA GLU B 7 0.45 2.82 34.47
C GLU B 7 1.80 2.13 34.43
N ILE B 8 2.84 2.95 34.35
CA ILE B 8 4.21 2.50 34.35
C ILE B 8 4.57 1.89 35.69
N LYS B 9 4.98 0.62 35.69
CA LYS B 9 5.40 -0.01 36.94
C LYS B 9 6.85 0.34 37.22
N ASP B 10 7.75 -0.49 36.72
CA ASP B 10 9.17 -0.31 36.99
C ASP B 10 10.00 -0.30 35.72
N THR B 11 11.18 0.30 35.82
CA THR B 11 12.12 0.29 34.70
C THR B 11 12.73 -1.09 34.68
N LEU B 12 12.67 -1.75 33.53
CA LEU B 12 13.25 -3.07 33.42
C LEU B 12 14.66 -2.98 32.85
N ILE B 13 14.82 -2.12 31.84
CA ILE B 13 16.11 -1.94 31.18
C ILE B 13 16.29 -0.45 30.95
N SER B 14 17.40 0.10 31.46
CA SER B 14 17.64 1.51 31.37
C SER B 14 18.14 1.93 30.00
N GLU B 15 18.07 3.22 29.76
CA GLU B 15 18.59 3.78 28.55
C GLU B 15 20.04 3.31 28.32
N GLU B 16 20.87 3.41 29.36
CA GLU B 16 22.26 3.03 29.30
C GLU B 16 22.44 1.53 29.02
N GLN B 17 21.63 0.69 29.66
CA GLN B 17 21.71 -0.77 29.46
C GLN B 17 21.30 -1.18 28.06
N LEU B 18 20.25 -0.55 27.56
CA LEU B 18 19.83 -0.78 26.20
C LEU B 18 20.96 -0.44 25.23
N GLN B 19 21.61 0.71 25.44
N GLN B 19 21.59 0.71 25.49
CA GLN B 19 22.64 1.08 24.51
CA GLN B 19 22.67 1.23 24.69
C GLN B 19 23.86 0.17 24.62
C GLN B 19 23.86 0.27 24.67
N GLU B 20 24.15 -0.38 25.81
CA GLU B 20 25.27 -1.31 25.91
C GLU B 20 24.99 -2.61 25.12
N LYS B 21 23.78 -3.10 25.19
CA LYS B 21 23.47 -4.35 24.45
C LYS B 21 23.35 -4.10 22.95
N VAL B 22 22.84 -2.92 22.58
CA VAL B 22 22.79 -2.54 21.18
C VAL B 22 24.19 -2.53 20.61
N LYS B 23 25.12 -1.96 21.36
CA LYS B 23 26.49 -1.95 20.93
C LYS B 23 27.05 -3.37 20.72
N GLU B 24 26.77 -4.25 21.68
CA GLU B 24 27.24 -5.62 21.63
C GLU B 24 26.65 -6.37 20.43
N LEU B 25 25.35 -6.18 20.18
CA LEU B 25 24.71 -6.80 19.01
C LEU B 25 25.34 -6.29 17.71
N ALA B 26 25.60 -4.99 17.66
CA ALA B 26 26.24 -4.40 16.50
C ALA B 26 27.62 -5.03 16.30
N LEU B 27 28.36 -5.26 17.38
CA LEU B 27 29.68 -5.89 17.23
C LEU B 27 29.55 -7.32 16.67
N GLN B 28 28.56 -8.05 17.18
CA GLN B 28 28.30 -9.42 16.70
C GLN B 28 28.00 -9.41 15.22
N ILE B 29 27.11 -8.53 14.81
CA ILE B 29 26.73 -8.40 13.42
C ILE B 29 27.97 -8.07 12.60
N GLU B 30 28.78 -7.13 13.08
CA GLU B 30 30.00 -6.74 12.39
C GLU B 30 30.95 -7.91 12.16
N ARG B 31 31.19 -8.71 13.19
CA ARG B 31 32.08 -9.84 12.96
C ARG B 31 31.44 -10.95 12.09
N ASP B 32 30.13 -11.10 12.13
CA ASP B 32 29.48 -12.12 11.30
C ASP B 32 29.47 -11.78 9.82
N PHE B 33 29.52 -10.49 9.47
CA PHE B 33 29.51 -10.07 8.08
C PHE B 33 30.71 -9.18 7.73
N GLU B 34 31.86 -9.54 8.27
CA GLU B 34 33.05 -8.76 8.09
C GLU B 34 33.33 -8.60 6.59
N GLY B 35 33.56 -7.37 6.16
CA GLY B 35 33.86 -7.08 4.77
C GLY B 35 32.68 -7.10 3.81
N GLU B 36 31.47 -7.22 4.32
CA GLU B 36 30.33 -7.31 3.43
C GLU B 36 29.29 -6.23 3.68
N GLU B 37 28.54 -5.95 2.62
CA GLU B 37 27.38 -5.08 2.68
C GLU B 37 26.31 -5.81 3.46
N ILE B 38 25.46 -5.08 4.14
CA ILE B 38 24.34 -5.64 4.87
C ILE B 38 23.06 -4.85 4.56
N VAL B 39 21.94 -5.56 4.47
CA VAL B 39 20.65 -4.91 4.30
C VAL B 39 19.87 -5.15 5.58
N VAL B 40 19.47 -4.08 6.25
CA VAL B 40 18.72 -4.18 7.47
C VAL B 40 17.27 -3.85 7.16
N ILE B 41 16.36 -4.77 7.50
CA ILE B 41 14.92 -4.55 7.29
C ILE B 41 14.27 -4.47 8.65
N ALA B 42 13.73 -3.32 8.97
CA ALA B 42 13.03 -3.11 10.22
C ALA B 42 11.54 -3.36 10.03
N VAL B 43 10.96 -4.15 10.93
CA VAL B 43 9.54 -4.44 10.92
C VAL B 43 8.83 -3.33 11.68
N LEU B 44 8.01 -2.56 10.98
CA LEU B 44 7.29 -1.44 11.60
C LEU B 44 6.18 -1.97 12.49
N LYS B 45 5.78 -1.20 13.51
CA LYS B 45 6.37 0.10 13.83
C LYS B 45 7.37 0.05 14.99
N GLY B 46 7.17 -0.89 15.92
CA GLY B 46 7.94 -0.89 17.17
C GLY B 46 9.45 -1.04 17.14
N SER B 47 10.00 -1.47 16.02
CA SER B 47 11.43 -1.67 15.93
C SER B 47 12.22 -0.45 15.47
N PHE B 48 11.56 0.66 15.16
CA PHE B 48 12.26 1.79 14.53
C PHE B 48 13.30 2.45 15.39
N VAL B 49 13.08 2.52 16.71
CA VAL B 49 14.05 3.11 17.62
C VAL B 49 15.30 2.22 17.75
N PHE B 50 15.06 0.93 17.99
CA PHE B 50 16.11 -0.07 18.07
C PHE B 50 16.93 -0.10 16.78
N ALA B 51 16.26 -0.08 15.65
CA ALA B 51 16.97 -0.06 14.36
C ALA B 51 17.84 1.18 14.19
N ALA B 52 17.28 2.35 14.51
CA ALA B 52 18.00 3.60 14.39
C ALA B 52 19.31 3.55 15.21
N ASP B 53 19.22 3.01 16.41
CA ASP B 53 20.36 2.90 17.31
C ASP B 53 21.39 1.85 16.87
N LEU B 54 20.89 0.69 16.47
CA LEU B 54 21.75 -0.44 16.05
C LEU B 54 22.57 -0.09 14.82
N ILE B 55 21.93 0.46 13.79
CA ILE B 55 22.67 0.72 12.54
C ILE B 55 23.77 1.75 12.73
N ARG B 56 23.61 2.62 13.72
CA ARG B 56 24.61 3.64 13.95
C ARG B 56 25.88 3.09 14.63
N HIS B 57 25.86 1.83 15.03
CA HIS B 57 27.02 1.18 15.60
C HIS B 57 27.61 0.14 14.67
N ILE B 58 27.06 0.07 13.45
CA ILE B 58 27.53 -0.89 12.45
C ILE B 58 28.37 -0.15 11.43
N LYS B 59 29.62 -0.54 11.26
CA LYS B 59 30.53 0.15 10.33
C LYS B 59 30.39 -0.31 8.89
N ASN B 60 29.80 -1.49 8.69
CA ASN B 60 29.59 -2.02 7.36
C ASN B 60 28.74 -1.11 6.51
N ASP B 61 28.81 -1.26 5.20
N ASP B 61 28.86 -1.19 5.19
CA ASP B 61 27.95 -0.54 4.26
CA ASP B 61 27.94 -0.44 4.34
C ASP B 61 26.55 -1.08 4.56
C ASP B 61 26.60 -1.06 4.67
N VAL B 62 25.65 -0.23 5.07
CA VAL B 62 24.32 -0.67 5.43
C VAL B 62 23.23 -0.01 4.59
N THR B 63 22.27 -0.82 4.17
CA THR B 63 21.10 -0.33 3.45
C THR B 63 19.95 -0.62 4.40
N ILE B 64 19.05 0.32 4.63
CA ILE B 64 17.92 0.03 5.52
C ILE B 64 16.57 0.15 4.79
N ASP B 65 15.61 -0.71 5.13
CA ASP B 65 14.28 -0.60 4.54
C ASP B 65 13.32 -1.08 5.61
N PHE B 66 12.03 -0.95 5.33
CA PHE B 66 11.01 -1.28 6.28
C PHE B 66 9.96 -2.16 5.65
N ILE B 67 9.34 -2.99 6.48
CA ILE B 67 8.23 -3.81 6.07
C ILE B 67 7.12 -3.62 7.09
N SER B 68 5.89 -3.66 6.62
CA SER B 68 4.76 -3.54 7.50
C SER B 68 3.73 -4.59 7.11
N ALA B 69 3.21 -5.29 8.11
CA ALA B 69 2.24 -6.34 7.91
C ALA B 69 1.10 -6.14 8.88
N SER B 70 -0.07 -6.68 8.58
CA SER B 70 -1.21 -6.56 9.47
C SER B 70 -1.87 -7.93 9.55
N SER B 71 -2.51 -8.22 10.67
CA SER B 71 -3.05 -9.55 10.85
C SER B 71 -4.36 -9.68 10.08
N TYR B 72 -4.71 -10.92 9.77
CA TYR B 72 -5.97 -11.25 9.13
C TYR B 72 -7.03 -11.57 10.21
N GLY B 73 -6.68 -11.36 11.47
CA GLY B 73 -7.64 -11.60 12.55
C GLY B 73 -7.32 -12.90 13.25
N ASN B 74 -8.35 -13.70 13.51
CA ASN B 74 -8.21 -14.98 14.22
C ASN B 74 -7.08 -15.85 13.67
N GLN B 75 -7.13 -16.12 12.37
CA GLN B 75 -6.13 -16.96 11.73
C GLN B 75 -4.69 -16.57 12.05
N THR B 76 -4.36 -15.29 11.92
CA THR B 76 -2.99 -14.83 12.22
C THR B 76 -2.50 -15.28 13.60
N GLU B 77 -3.40 -15.37 14.58
CA GLU B 77 -2.97 -15.75 15.92
C GLU B 77 -2.73 -17.26 16.06
N THR B 78 -3.14 -18.04 15.06
CA THR B 78 -2.84 -19.47 15.08
C THR B 78 -1.86 -19.88 13.96
N THR B 79 -1.84 -19.14 12.85
CA THR B 79 -0.99 -19.50 11.71
C THR B 79 0.09 -18.45 11.39
N GLY B 80 -0.03 -17.25 11.91
CA GLY B 80 0.94 -16.20 11.60
C GLY B 80 0.74 -15.55 10.23
N LYS B 81 -0.25 -16.05 9.48
CA LYS B 81 -0.57 -15.47 8.18
C LYS B 81 -0.87 -13.97 8.38
N VAL B 82 -0.09 -13.11 7.73
CA VAL B 82 -0.32 -11.67 7.82
C VAL B 82 -0.40 -11.06 6.41
N LYS B 83 -1.06 -9.93 6.27
CA LYS B 83 -1.04 -9.29 4.97
C LYS B 83 0.02 -8.20 4.90
N LEU B 84 0.72 -8.19 3.78
CA LEU B 84 1.78 -7.23 3.60
C LEU B 84 1.15 -5.91 3.23
N LEU B 85 1.35 -4.92 4.09
CA LEU B 85 0.84 -3.59 3.88
C LEU B 85 1.86 -2.79 3.13
N LYS B 86 3.09 -2.91 3.55
CA LYS B 86 4.18 -2.28 2.83
C LYS B 86 5.27 -3.29 2.66
N ASP B 87 5.56 -3.62 1.42
CA ASP B 87 6.63 -4.56 1.10
C ASP B 87 7.94 -3.77 1.01
N ILE B 88 9.08 -4.45 0.97
CA ILE B 88 10.33 -3.77 0.84
C ILE B 88 10.55 -3.24 -0.57
N ASP B 89 11.29 -2.15 -0.66
CA ASP B 89 11.68 -1.57 -1.94
C ASP B 89 13.07 -1.98 -2.37
N VAL B 90 13.95 -2.21 -1.42
CA VAL B 90 15.32 -2.52 -1.78
C VAL B 90 15.49 -3.97 -2.25
N ASN B 91 16.52 -4.19 -3.04
CA ASN B 91 16.87 -5.49 -3.53
C ASN B 91 17.62 -6.26 -2.45
N ILE B 92 17.22 -7.48 -2.16
CA ILE B 92 17.94 -8.29 -1.19
C ILE B 92 18.41 -9.60 -1.85
N THR B 93 18.19 -9.75 -3.14
CA THR B 93 18.61 -10.96 -3.83
C THR B 93 20.14 -11.01 -3.76
N GLY B 94 20.66 -12.13 -3.24
CA GLY B 94 22.11 -12.30 -3.07
C GLY B 94 22.74 -11.42 -2.02
N LYS B 95 21.93 -10.78 -1.18
CA LYS B 95 22.43 -9.90 -0.13
C LYS B 95 22.33 -10.51 1.27
N ASN B 96 23.07 -9.93 2.21
CA ASN B 96 23.06 -10.33 3.60
C ASN B 96 21.95 -9.52 4.28
N VAL B 97 20.93 -10.22 4.78
CA VAL B 97 19.80 -9.53 5.35
C VAL B 97 19.60 -9.79 6.82
N ILE B 98 19.39 -8.71 7.58
CA ILE B 98 19.07 -8.82 8.99
C ILE B 98 17.73 -8.14 9.19
N VAL B 99 16.77 -8.91 9.70
CA VAL B 99 15.44 -8.43 9.93
C VAL B 99 15.39 -8.06 11.39
N VAL B 100 15.01 -6.83 11.64
CA VAL B 100 15.00 -6.26 12.97
C VAL B 100 13.58 -6.11 13.50
N GLU B 101 13.39 -6.64 14.71
CA GLU B 101 12.14 -6.63 15.43
C GLU B 101 12.27 -6.10 16.83
N ASP B 102 11.13 -5.65 17.37
CA ASP B 102 11.04 -5.25 18.79
C ASP B 102 10.92 -6.47 19.70
N ILE B 103 9.98 -7.34 19.40
CA ILE B 103 9.72 -8.52 20.20
C ILE B 103 9.39 -9.73 19.33
N ILE B 104 9.85 -10.90 19.75
CA ILE B 104 9.42 -12.16 19.15
C ILE B 104 8.77 -12.93 20.29
N ASP B 105 7.50 -13.29 20.11
CA ASP B 105 6.70 -14.04 21.08
C ASP B 105 6.40 -15.43 20.52
N SER B 106 5.23 -15.56 19.88
CA SER B 106 4.82 -16.82 19.29
C SER B 106 5.71 -17.17 18.12
N GLY B 107 6.18 -16.11 17.45
CA GLY B 107 7.05 -16.23 16.28
C GLY B 107 6.31 -16.53 15.00
N LEU B 108 4.99 -16.68 15.09
CA LEU B 108 4.20 -17.09 13.92
C LEU B 108 4.29 -16.09 12.76
N THR B 109 4.06 -14.82 13.03
CA THR B 109 4.16 -13.81 12.00
C THR B 109 5.57 -13.65 11.41
N LEU B 110 6.61 -13.63 12.24
CA LEU B 110 7.97 -13.48 11.72
C LEU B 110 8.40 -14.70 10.88
N HIS B 111 7.87 -15.87 11.21
CA HIS B 111 8.16 -17.07 10.45
C HIS B 111 7.55 -16.92 9.06
N PHE B 112 6.43 -16.23 8.99
CA PHE B 112 5.75 -16.01 7.73
C PHE B 112 6.58 -15.02 6.94
N LEU B 113 6.96 -13.92 7.58
CA LEU B 113 7.79 -12.92 6.94
C LEU B 113 9.10 -13.54 6.46
N LYS B 114 9.63 -14.47 7.24
CA LYS B 114 10.88 -15.16 6.87
C LYS B 114 10.71 -15.87 5.53
N ASP B 115 9.58 -16.54 5.34
CA ASP B 115 9.33 -17.21 4.07
C ASP B 115 9.20 -16.22 2.90
N HIS B 116 8.58 -15.07 3.16
CA HIS B 116 8.48 -14.02 2.15
C HIS B 116 9.86 -13.55 1.73
N PHE B 117 10.71 -13.27 2.72
CA PHE B 117 12.05 -12.82 2.37
C PHE B 117 12.83 -13.90 1.60
N PHE B 118 12.73 -15.14 2.03
CA PHE B 118 13.43 -16.22 1.33
C PHE B 118 13.03 -16.29 -0.14
N MET B 119 11.81 -15.91 -0.47
CA MET B 119 11.41 -15.86 -1.87
C MET B 119 12.27 -14.92 -2.73
N HIS B 120 12.90 -13.92 -2.11
CA HIS B 120 13.79 -12.99 -2.85
C HIS B 120 15.21 -13.55 -3.04
N LYS B 121 15.44 -14.78 -2.56
CA LYS B 121 16.73 -15.45 -2.61
C LYS B 121 17.93 -14.65 -2.06
N PRO B 122 17.87 -14.27 -0.77
CA PRO B 122 19.00 -13.53 -0.20
C PRO B 122 20.19 -14.47 0.05
N LYS B 123 21.40 -13.93 0.14
CA LYS B 123 22.56 -14.73 0.43
C LYS B 123 22.45 -15.28 1.86
N ALA B 124 22.03 -14.43 2.80
CA ALA B 124 21.87 -14.82 4.21
C ALA B 124 20.67 -14.06 4.78
N LEU B 125 19.99 -14.66 5.75
CA LEU B 125 18.81 -14.04 6.33
C LEU B 125 18.82 -14.35 7.80
N LYS B 126 19.01 -13.31 8.60
CA LYS B 126 19.10 -13.49 10.04
C LYS B 126 18.10 -12.56 10.73
N PHE B 127 17.73 -12.92 11.95
CA PHE B 127 16.75 -12.18 12.71
C PHE B 127 17.39 -11.61 13.97
N CYS B 128 17.06 -10.36 14.21
CA CYS B 128 17.60 -9.58 15.33
C CYS B 128 16.46 -8.93 16.07
N THR B 129 16.19 -9.39 17.29
CA THR B 129 15.10 -8.86 18.07
C THR B 129 15.60 -8.22 19.36
N LEU B 130 15.01 -7.10 19.74
CA LEU B 130 15.43 -6.44 21.00
C LEU B 130 15.05 -7.29 22.20
N LEU B 131 13.82 -7.80 22.15
CA LEU B 131 13.28 -8.61 23.21
C LEU B 131 12.80 -9.96 22.67
N ASP B 132 12.91 -10.99 23.50
CA ASP B 132 12.51 -12.35 23.12
C ASP B 132 11.69 -12.99 24.24
N LYS B 133 10.69 -13.78 23.86
CA LYS B 133 9.89 -14.52 24.82
C LYS B 133 9.78 -15.91 24.27
N PRO B 134 10.91 -16.66 24.28
CA PRO B 134 10.94 -17.99 23.67
C PRO B 134 10.00 -19.01 24.29
N GLU B 135 9.61 -18.81 25.55
CA GLU B 135 8.68 -19.74 26.17
C GLU B 135 7.25 -19.48 25.66
N ARG B 136 7.10 -18.53 24.74
CA ARG B 136 5.80 -18.25 24.15
C ARG B 136 5.73 -18.69 22.68
N ARG B 137 6.72 -19.46 22.23
CA ARG B 137 6.79 -19.86 20.84
C ARG B 137 5.75 -20.90 20.43
N LYS B 138 5.19 -20.71 19.25
CA LYS B 138 4.27 -21.70 18.69
C LYS B 138 4.85 -22.24 17.39
N VAL B 139 6.05 -21.78 17.05
CA VAL B 139 6.75 -22.27 15.88
C VAL B 139 8.24 -22.13 16.13
N ASP B 140 9.05 -22.98 15.50
CA ASP B 140 10.49 -22.94 15.64
C ASP B 140 11.03 -21.67 14.97
N LEU B 141 11.65 -20.80 15.77
CA LEU B 141 12.21 -19.56 15.26
C LEU B 141 13.18 -19.04 16.31
N THR B 142 14.46 -19.29 16.09
CA THR B 142 15.50 -18.85 17.01
C THR B 142 16.18 -17.63 16.40
N ALA B 143 16.11 -16.50 17.08
CA ALA B 143 16.73 -15.29 16.60
C ALA B 143 18.23 -15.40 16.77
N GLU B 144 18.97 -15.04 15.74
CA GLU B 144 20.43 -15.06 15.81
C GLU B 144 20.93 -13.97 16.76
N TYR B 145 20.21 -12.86 16.83
CA TYR B 145 20.64 -11.78 17.71
C TYR B 145 19.48 -11.40 18.60
N VAL B 146 19.76 -11.37 19.90
CA VAL B 146 18.74 -11.07 20.90
C VAL B 146 19.22 -10.11 21.94
N GLY B 147 18.43 -9.10 22.24
CA GLY B 147 18.82 -8.18 23.29
C GLY B 147 18.59 -8.77 24.66
N PHE B 148 17.32 -9.01 24.96
CA PHE B 148 16.92 -9.44 26.28
C PHE B 148 15.71 -10.37 26.28
N GLN B 149 15.66 -11.25 27.27
N GLN B 149 15.64 -11.23 27.30
CA GLN B 149 14.49 -12.08 27.47
CA GLN B 149 14.51 -12.14 27.49
C GLN B 149 13.73 -11.41 28.59
C GLN B 149 13.69 -11.56 28.64
N ILE B 150 12.43 -11.21 28.38
CA ILE B 150 11.59 -10.59 29.39
C ILE B 150 10.49 -11.55 29.81
N PRO B 151 10.22 -11.61 31.12
CA PRO B 151 9.21 -12.50 31.63
C PRO B 151 7.89 -11.89 31.26
N ASP B 152 7.17 -12.62 30.42
CA ASP B 152 5.89 -12.19 29.90
C ASP B 152 5.09 -11.25 30.80
N GLU B 153 5.15 -9.98 30.43
CA GLU B 153 4.42 -8.92 31.07
C GLU B 153 3.87 -8.13 29.86
N PHE B 154 3.47 -6.90 30.13
CA PHE B 154 3.19 -5.93 29.10
C PHE B 154 4.39 -5.04 29.35
N ILE B 155 5.10 -4.66 28.30
CA ILE B 155 6.20 -3.72 28.49
C ILE B 155 6.06 -2.64 27.45
N VAL B 156 6.64 -1.47 27.72
CA VAL B 156 6.55 -0.34 26.85
C VAL B 156 7.89 0.37 26.83
N GLY B 157 8.06 1.26 25.86
CA GLY B 157 9.26 2.07 25.75
C GLY B 157 10.18 1.70 24.61
N TYR B 158 11.05 2.64 24.27
CA TYR B 158 12.08 2.39 23.28
C TYR B 158 11.47 1.87 21.99
N GLY B 159 10.40 2.53 21.58
CA GLY B 159 9.67 2.21 20.35
C GLY B 159 8.47 1.31 20.54
N ILE B 160 8.37 0.65 21.68
CA ILE B 160 7.30 -0.31 21.93
C ILE B 160 6.14 0.35 22.63
N ASP B 161 4.94 0.14 22.09
CA ASP B 161 3.76 0.79 22.65
C ASP B 161 2.81 -0.08 23.43
N CYS B 162 1.90 0.62 24.11
N CYS B 162 1.89 0.59 24.12
CA CYS B 162 0.73 0.06 24.76
CA CYS B 162 0.71 -0.06 24.70
C CYS B 162 -0.39 0.95 24.24
C CYS B 162 -0.40 0.89 24.26
N ALA B 163 -1.21 0.42 23.32
CA ALA B 163 -2.28 1.20 22.73
C ALA B 163 -1.76 2.51 22.10
N GLU B 164 -0.67 2.39 21.34
CA GLU B 164 -0.01 3.54 20.68
C GLU B 164 0.74 4.51 21.60
N LYS B 165 0.66 4.26 22.91
CA LYS B 165 1.30 5.10 23.90
C LYS B 165 2.68 4.57 24.36
N TYR B 166 3.52 5.47 24.89
CA TYR B 166 4.80 5.14 25.50
C TYR B 166 5.97 4.72 24.62
N ARG B 167 5.86 4.86 23.31
CA ARG B 167 6.98 4.53 22.45
C ARG B 167 8.16 5.47 22.66
N ASN B 168 7.90 6.64 23.19
CA ASN B 168 8.96 7.64 23.37
C ASN B 168 9.78 7.51 24.65
N LEU B 169 9.43 6.57 25.52
CA LEU B 169 10.27 6.38 26.71
C LEU B 169 11.65 5.90 26.28
N PRO B 170 12.70 6.45 26.90
CA PRO B 170 14.03 6.04 26.49
C PRO B 170 14.50 4.73 27.12
N PHE B 171 13.66 4.16 27.98
CA PHE B 171 13.94 2.91 28.65
C PHE B 171 12.75 1.98 28.43
N ILE B 172 12.94 0.71 28.82
CA ILE B 172 11.88 -0.30 28.76
C ILE B 172 11.33 -0.42 30.18
N ALA B 173 10.00 -0.36 30.30
CA ALA B 173 9.34 -0.49 31.59
C ALA B 173 8.17 -1.47 31.50
N SER B 174 7.81 -2.09 32.61
CA SER B 174 6.65 -2.96 32.66
C SER B 174 5.49 -2.02 32.92
N VAL B 175 4.30 -2.40 32.44
CA VAL B 175 3.10 -1.60 32.61
C VAL B 175 1.97 -2.44 33.22
N VAL B 176 1.28 -1.86 34.19
CA VAL B 176 0.16 -2.53 34.88
C VAL B 176 -1.09 -2.51 34.02
N ILE C 6 30.93 6.43 -4.49
CA ILE C 6 30.45 7.41 -3.47
C ILE C 6 31.32 7.32 -2.22
N GLU C 7 32.15 8.33 -1.99
CA GLU C 7 32.99 8.35 -0.80
C GLU C 7 32.62 9.51 0.12
N ILE C 8 32.79 9.27 1.41
CA ILE C 8 32.54 10.26 2.44
C ILE C 8 33.66 11.28 2.43
N LYS C 9 33.31 12.57 2.47
CA LYS C 9 34.32 13.60 2.51
C LYS C 9 34.56 14.28 3.87
N ASP C 10 33.75 15.25 4.25
CA ASP C 10 34.02 15.98 5.48
C ASP C 10 32.78 15.82 6.34
N THR C 11 32.98 15.72 7.65
CA THR C 11 31.87 15.70 8.60
C THR C 11 31.34 17.13 8.68
N LEU C 12 30.07 17.32 8.40
CA LEU C 12 29.41 18.63 8.42
C LEU C 12 28.76 18.90 9.77
N ILE C 13 28.14 17.87 10.34
CA ILE C 13 27.56 18.00 11.67
C ILE C 13 27.89 16.74 12.44
N SER C 14 28.61 16.91 13.54
CA SER C 14 29.06 15.78 14.35
C SER C 14 27.93 15.14 15.13
N GLU C 15 28.17 13.90 15.53
CA GLU C 15 27.23 13.16 16.36
C GLU C 15 26.83 14.01 17.58
N GLU C 16 27.82 14.66 18.20
CA GLU C 16 27.59 15.50 19.39
C GLU C 16 26.73 16.72 19.10
N GLN C 17 27.03 17.41 18.02
CA GLN C 17 26.23 18.57 17.59
C GLN C 17 24.76 18.17 17.30
N LEU C 18 24.56 17.04 16.67
CA LEU C 18 23.21 16.54 16.40
C LEU C 18 22.46 16.32 17.71
N GLN C 19 23.08 15.60 18.63
CA GLN C 19 22.44 15.33 19.91
C GLN C 19 22.14 16.61 20.71
N GLU C 20 23.08 17.56 20.77
CA GLU C 20 22.81 18.85 21.40
C GLU C 20 21.60 19.52 20.73
N LYS C 21 21.57 19.56 19.39
CA LYS C 21 20.46 20.21 18.69
C LYS C 21 19.11 19.51 18.90
N VAL C 22 19.12 18.18 18.85
CA VAL C 22 17.90 17.43 19.10
C VAL C 22 17.29 17.79 20.47
N LYS C 23 18.14 17.91 21.49
CA LYS C 23 17.71 18.27 22.84
C LYS C 23 17.10 19.67 22.89
N GLU C 24 17.68 20.58 22.13
CA GLU C 24 17.17 21.95 22.04
C GLU C 24 15.78 21.95 21.42
N LEU C 25 15.59 21.23 20.32
CA LEU C 25 14.30 21.21 19.64
C LEU C 25 13.24 20.56 20.53
N ALA C 26 13.63 19.49 21.21
CA ALA C 26 12.74 18.78 22.12
C ALA C 26 12.28 19.72 23.23
N LEU C 27 13.18 20.53 23.79
CA LEU C 27 12.82 21.45 24.88
C LEU C 27 11.80 22.48 24.39
N GLN C 28 12.02 22.93 23.17
CA GLN C 28 11.18 23.92 22.50
C GLN C 28 9.77 23.32 22.32
N ILE C 29 9.72 22.12 21.77
CA ILE C 29 8.47 21.40 21.57
C ILE C 29 7.75 21.21 22.91
N GLU C 30 8.50 20.77 23.92
CA GLU C 30 7.93 20.55 25.24
C GLU C 30 7.29 21.80 25.80
N ARG C 31 7.92 22.95 25.61
CA ARG C 31 7.29 24.16 26.14
C ARG C 31 6.16 24.65 25.26
N ASP C 32 6.22 24.40 23.96
CA ASP C 32 5.14 24.83 23.10
C ASP C 32 3.87 24.01 23.34
N PHE C 33 4.01 22.79 23.86
CA PHE C 33 2.83 21.95 24.09
C PHE C 33 2.77 21.44 25.53
N GLU C 34 3.22 22.27 26.45
CA GLU C 34 3.22 21.92 27.86
C GLU C 34 1.83 21.43 28.28
N GLY C 35 1.80 20.33 29.02
CA GLY C 35 0.55 19.74 29.49
C GLY C 35 -0.32 19.08 28.43
N GLU C 36 0.19 18.88 27.22
CA GLU C 36 -0.61 18.30 26.16
C GLU C 36 0.00 17.12 25.44
N GLU C 37 -0.88 16.33 24.84
CA GLU C 37 -0.49 15.21 24.02
C GLU C 37 -0.05 15.70 22.67
N ILE C 38 0.85 14.94 22.06
CA ILE C 38 1.36 15.26 20.76
C ILE C 38 1.38 14.01 19.90
N VAL C 39 1.04 14.18 18.63
CA VAL C 39 1.18 13.09 17.69
C VAL C 39 2.34 13.52 16.81
N VAL C 40 3.35 12.66 16.74
CA VAL C 40 4.49 12.91 15.90
C VAL C 40 4.37 12.01 14.69
N ILE C 41 4.38 12.60 13.50
CA ILE C 41 4.30 11.85 12.27
C ILE C 41 5.61 12.04 11.52
N ALA C 42 6.32 10.93 11.34
CA ALA C 42 7.60 10.94 10.64
C ALA C 42 7.41 10.59 9.19
N VAL C 43 8.03 11.38 8.35
CA VAL C 43 7.96 11.16 6.92
C VAL C 43 9.10 10.17 6.57
N LEU C 44 8.70 8.99 6.12
CA LEU C 44 9.66 7.93 5.77
C LEU C 44 10.43 8.31 4.52
N LYS C 45 11.65 7.81 4.33
CA LYS C 45 12.32 6.90 5.27
C LYS C 45 13.32 7.61 6.12
N GLY C 46 13.97 8.60 5.55
CA GLY C 46 15.12 9.21 6.20
C GLY C 46 14.95 9.74 7.61
N SER C 47 13.77 10.26 7.89
CA SER C 47 13.53 10.94 9.16
C SER C 47 13.44 10.03 10.38
N PHE C 48 13.50 8.72 10.19
CA PHE C 48 13.26 7.81 11.32
C PHE C 48 14.29 7.93 12.41
N VAL C 49 15.54 8.21 12.05
CA VAL C 49 16.60 8.34 13.02
C VAL C 49 16.39 9.61 13.88
N PHE C 50 16.22 10.76 13.23
CA PHE C 50 15.91 12.02 13.92
C PHE C 50 14.67 11.90 14.82
N ALA C 51 13.61 11.26 14.30
CA ALA C 51 12.40 11.04 15.05
C ALA C 51 12.61 10.17 16.29
N ALA C 52 13.39 9.09 16.15
CA ALA C 52 13.69 8.20 17.26
C ALA C 52 14.41 8.97 18.36
N ASP C 53 15.38 9.78 17.99
CA ASP C 53 16.14 10.59 18.94
C ASP C 53 15.28 11.71 19.55
N LEU C 54 14.55 12.44 18.72
CA LEU C 54 13.73 13.53 19.18
C LEU C 54 12.67 13.15 20.21
N ILE C 55 11.90 12.11 19.92
CA ILE C 55 10.81 11.75 20.82
C ILE C 55 11.33 11.28 22.19
N ARG C 56 12.54 10.74 22.22
CA ARG C 56 13.13 10.26 23.49
C ARG C 56 13.54 11.37 24.43
N HIS C 57 13.45 12.60 23.94
CA HIS C 57 13.75 13.77 24.76
C HIS C 57 12.50 14.60 25.02
N ILE C 58 11.35 14.06 24.62
CA ILE C 58 10.08 14.74 24.82
C ILE C 58 9.33 14.02 25.93
N LYS C 59 9.03 14.75 27.02
CA LYS C 59 8.39 14.16 28.18
C LYS C 59 6.89 13.99 28.02
N ASN C 60 6.29 14.75 27.10
CA ASN C 60 4.85 14.65 26.85
C ASN C 60 4.41 13.26 26.41
N ASP C 61 3.14 12.95 26.63
CA ASP C 61 2.55 11.72 26.09
C ASP C 61 2.63 11.86 24.55
N VAL C 62 3.33 10.94 23.90
CA VAL C 62 3.53 11.04 22.46
C VAL C 62 2.99 9.81 21.75
N THR C 63 2.34 10.05 20.62
CA THR C 63 1.88 8.97 19.73
C THR C 63 2.69 9.14 18.45
N ILE C 64 3.23 8.05 17.89
CA ILE C 64 3.99 8.22 16.65
C ILE C 64 3.34 7.44 15.49
N ASP C 65 3.46 7.99 14.28
CA ASP C 65 3.00 7.25 13.11
C ASP C 65 3.89 7.70 12.00
N PHE C 66 3.75 7.05 10.86
CA PHE C 66 4.58 7.29 9.71
C PHE C 66 3.73 7.54 8.45
N ILE C 67 4.30 8.31 7.55
CA ILE C 67 3.69 8.55 6.28
C ILE C 67 4.76 8.38 5.21
N SER C 68 4.33 7.93 4.05
N SER C 68 4.33 7.95 4.05
CA SER C 68 5.19 7.77 2.90
CA SER C 68 5.22 7.85 2.92
C SER C 68 4.50 8.43 1.70
C SER C 68 4.51 8.45 1.73
N ALA C 69 5.24 9.25 0.96
CA ALA C 69 4.70 9.98 -0.18
C ALA C 69 5.83 10.33 -1.10
N SER C 70 5.54 10.46 -2.38
CA SER C 70 6.61 10.78 -3.33
C SER C 70 6.11 11.67 -4.42
N SER C 71 7.03 12.13 -5.26
CA SER C 71 6.63 12.95 -6.40
C SER C 71 6.12 12.08 -7.53
N TYR C 72 5.36 12.72 -8.41
CA TYR C 72 4.92 12.11 -9.64
C TYR C 72 5.88 12.66 -10.69
N GLY C 73 6.51 13.79 -10.35
CA GLY C 73 7.46 14.45 -11.25
C GLY C 73 6.81 15.51 -12.12
N LYS C 81 1.06 17.70 -7.63
CA LYS C 81 1.20 16.26 -7.53
C LYS C 81 2.25 15.70 -6.55
N VAL C 82 1.74 15.09 -5.47
CA VAL C 82 2.49 14.29 -4.55
C VAL C 82 1.64 13.00 -4.42
N LYS C 83 2.29 11.85 -4.51
CA LYS C 83 1.62 10.56 -4.41
C LYS C 83 1.68 10.08 -2.97
N LEU C 84 0.54 9.66 -2.40
CA LEU C 84 0.52 9.17 -1.03
C LEU C 84 0.71 7.66 -1.10
N LEU C 85 1.82 7.15 -0.56
CA LEU C 85 2.09 5.73 -0.59
C LEU C 85 1.58 5.01 0.65
N LYS C 86 1.71 5.64 1.80
CA LYS C 86 1.24 5.08 3.04
C LYS C 86 0.64 6.20 3.83
N ASP C 87 -0.64 6.09 4.12
CA ASP C 87 -1.37 7.08 4.92
C ASP C 87 -1.19 6.76 6.41
N ILE C 88 -1.58 7.68 7.28
CA ILE C 88 -1.51 7.45 8.70
C ILE C 88 -2.66 6.55 9.19
N ASP C 89 -2.39 5.81 10.24
CA ASP C 89 -3.35 4.96 10.88
C ASP C 89 -3.95 5.62 12.12
N VAL C 90 -3.21 6.48 12.80
CA VAL C 90 -3.71 7.05 14.06
C VAL C 90 -4.66 8.23 13.85
N ASN C 91 -5.43 8.51 14.89
CA ASN C 91 -6.35 9.64 14.90
C ASN C 91 -5.62 10.94 15.24
N ILE C 92 -5.65 11.91 14.34
CA ILE C 92 -5.08 13.21 14.63
C ILE C 92 -6.17 14.28 14.74
N THR C 93 -7.41 13.87 14.49
CA THR C 93 -8.52 14.82 14.54
C THR C 93 -8.56 15.40 15.96
N GLY C 94 -8.52 16.73 16.05
CA GLY C 94 -8.50 17.41 17.35
C GLY C 94 -7.21 17.25 18.17
N LYS C 95 -6.12 16.82 17.52
CA LYS C 95 -4.83 16.59 18.21
C LYS C 95 -3.72 17.54 17.76
N ASN C 96 -2.66 17.66 18.58
CA ASN C 96 -1.49 18.47 18.25
C ASN C 96 -0.57 17.61 17.41
N VAL C 97 -0.30 18.03 16.19
CA VAL C 97 0.53 17.24 15.31
C VAL C 97 1.81 17.94 14.94
N ILE C 98 2.90 17.18 15.00
CA ILE C 98 4.21 17.61 14.57
C ILE C 98 4.69 16.61 13.50
N VAL C 99 4.85 17.09 12.28
CA VAL C 99 5.37 16.31 11.18
C VAL C 99 6.89 16.48 11.14
N VAL C 100 7.59 15.35 11.22
CA VAL C 100 9.04 15.35 11.30
C VAL C 100 9.67 14.91 10.01
N GLU C 101 10.62 15.72 9.58
CA GLU C 101 11.35 15.49 8.35
C GLU C 101 12.85 15.62 8.54
N ASP C 102 13.58 14.99 7.63
N ASP C 102 13.59 14.99 7.64
CA ASP C 102 15.05 15.08 7.64
CA ASP C 102 15.06 15.14 7.65
C ASP C 102 15.48 16.41 6.99
C ASP C 102 15.45 16.45 7.01
N ILE C 103 14.93 16.69 5.81
CA ILE C 103 15.25 17.90 5.07
C ILE C 103 14.01 18.47 4.41
N ILE C 104 13.85 19.79 4.46
CA ILE C 104 12.80 20.44 3.69
C ILE C 104 13.52 21.38 2.71
N ASP C 105 13.37 21.08 1.42
CA ASP C 105 13.94 21.89 0.37
C ASP C 105 12.82 22.57 -0.44
N SER C 106 12.24 21.87 -1.41
CA SER C 106 11.14 22.43 -2.20
C SER C 106 9.89 22.69 -1.36
N GLY C 107 9.67 21.88 -0.33
CA GLY C 107 8.47 21.99 0.50
C GLY C 107 7.23 21.46 -0.24
N LEU C 108 7.42 21.06 -1.50
CA LEU C 108 6.31 20.63 -2.35
C LEU C 108 5.61 19.46 -1.78
N THR C 109 6.34 18.37 -1.56
CA THR C 109 5.75 17.17 -0.98
C THR C 109 5.12 17.46 0.40
N LEU C 110 5.77 18.27 1.25
CA LEU C 110 5.24 18.57 2.60
C LEU C 110 4.02 19.55 2.60
N HIS C 111 3.94 20.41 1.60
CA HIS C 111 2.79 21.34 1.47
C HIS C 111 1.54 20.47 1.15
N PHE C 112 1.72 19.52 0.23
CA PHE C 112 0.66 18.59 -0.17
C PHE C 112 0.28 17.85 1.08
N LEU C 113 1.27 17.27 1.74
N LEU C 113 1.30 17.30 1.73
CA LEU C 113 0.99 16.53 2.97
CA LEU C 113 1.10 16.59 2.97
C LEU C 113 0.29 17.42 3.99
C LEU C 113 0.31 17.42 3.96
N LYS C 114 0.61 18.72 4.02
CA LYS C 114 -0.08 19.64 4.94
C LYS C 114 -1.59 19.77 4.65
N ASP C 115 -1.97 19.92 3.39
CA ASP C 115 -3.39 19.99 3.04
C ASP C 115 -4.11 18.66 3.34
N HIS C 116 -3.40 17.57 3.13
CA HIS C 116 -3.94 16.24 3.35
C HIS C 116 -4.33 16.09 4.79
N PHE C 117 -3.37 16.40 5.67
CA PHE C 117 -3.61 16.34 7.09
C PHE C 117 -4.70 17.27 7.51
N PHE C 118 -4.72 18.48 6.95
N PHE C 118 -4.75 18.45 6.91
CA PHE C 118 -5.77 19.41 7.32
CA PHE C 118 -5.81 19.42 7.21
C PHE C 118 -7.16 18.83 7.03
C PHE C 118 -7.15 18.78 7.07
N MET C 119 -7.26 17.92 6.06
CA MET C 119 -8.52 17.24 5.79
C MET C 119 -8.99 16.43 7.02
N HIS C 120 -8.06 16.08 7.94
CA HIS C 120 -8.37 15.34 9.18
C HIS C 120 -8.74 16.23 10.38
N LYS C 121 -8.65 17.54 10.19
CA LYS C 121 -9.01 18.54 11.22
C LYS C 121 -8.26 18.39 12.56
N PRO C 122 -6.91 18.45 12.51
CA PRO C 122 -6.14 18.44 13.75
C PRO C 122 -6.29 19.78 14.49
N LYS C 123 -5.91 19.79 15.76
CA LYS C 123 -5.98 20.99 16.60
C LYS C 123 -4.85 21.91 16.21
N ALA C 124 -3.69 21.33 15.90
CA ALA C 124 -2.53 22.10 15.50
C ALA C 124 -1.67 21.21 14.63
N LEU C 125 -0.96 21.83 13.69
CA LEU C 125 -0.12 21.10 12.77
C LEU C 125 1.14 21.92 12.58
N LYS C 126 2.27 21.35 13.01
CA LYS C 126 3.53 22.04 12.91
C LYS C 126 4.54 21.14 12.19
N PHE C 127 5.57 21.76 11.65
CA PHE C 127 6.61 21.04 10.95
C PHE C 127 7.94 21.19 11.65
N CYS C 128 8.65 20.08 11.72
CA CYS C 128 9.92 19.98 12.42
C CYS C 128 10.91 19.26 11.51
N THR C 129 11.98 19.96 11.16
CA THR C 129 12.95 19.36 10.25
C THR C 129 14.33 19.50 10.83
N LEU C 130 15.18 18.49 10.59
CA LEU C 130 16.54 18.54 11.05
C LEU C 130 17.31 19.62 10.27
N LEU C 131 17.16 19.61 8.95
CA LEU C 131 17.82 20.56 8.07
C LEU C 131 16.80 21.29 7.24
N ASP C 132 17.02 22.58 7.03
CA ASP C 132 16.11 23.36 6.24
C ASP C 132 16.90 24.02 5.13
N LYS C 133 16.35 24.02 3.93
CA LYS C 133 16.98 24.68 2.81
C LYS C 133 15.94 25.62 2.20
N PRO C 134 15.59 26.68 2.93
CA PRO C 134 14.54 27.58 2.44
C PRO C 134 14.84 28.16 1.05
N GLU C 135 16.12 28.36 0.75
CA GLU C 135 16.51 28.88 -0.57
C GLU C 135 16.05 27.96 -1.71
N ARG C 136 15.70 26.72 -1.40
CA ARG C 136 15.22 25.77 -2.41
C ARG C 136 13.70 25.68 -2.54
N ARG C 137 12.96 26.49 -1.79
CA ARG C 137 11.50 26.41 -1.80
C ARG C 137 10.83 26.68 -3.15
N LYS C 138 9.79 25.90 -3.42
CA LYS C 138 8.96 26.08 -4.61
C LYS C 138 7.51 26.33 -4.19
N VAL C 139 7.30 26.52 -2.90
CA VAL C 139 5.99 26.83 -2.33
C VAL C 139 6.26 27.38 -0.93
N ASP C 140 5.37 28.20 -0.39
CA ASP C 140 5.60 28.75 0.95
C ASP C 140 5.33 27.67 1.99
N LEU C 141 6.33 27.41 2.83
CA LEU C 141 6.18 26.41 3.89
C LEU C 141 7.27 26.66 4.90
N THR C 142 6.88 27.18 6.05
CA THR C 142 7.84 27.51 7.08
C THR C 142 7.78 26.46 8.19
N ALA C 143 8.94 25.96 8.57
CA ALA C 143 8.99 24.95 9.60
C ALA C 143 9.09 25.65 10.94
N GLU C 144 8.31 25.23 11.90
CA GLU C 144 8.33 25.83 13.22
C GLU C 144 9.59 25.43 14.01
N TYR C 145 10.08 24.23 13.74
CA TYR C 145 11.26 23.71 14.40
C TYR C 145 12.27 23.34 13.34
N VAL C 146 13.47 23.92 13.43
CA VAL C 146 14.52 23.71 12.44
C VAL C 146 15.83 23.49 13.16
N GLY C 147 16.50 22.37 12.88
CA GLY C 147 17.78 22.11 13.54
C GLY C 147 18.95 22.91 12.98
N PHE C 148 19.17 22.80 11.67
CA PHE C 148 20.31 23.44 11.05
C PHE C 148 19.92 23.92 9.66
N GLN C 149 20.65 24.92 9.18
CA GLN C 149 20.46 25.40 7.82
C GLN C 149 21.85 25.48 7.22
N ILE C 150 22.20 24.51 6.38
CA ILE C 150 23.52 24.51 5.76
C ILE C 150 23.38 24.55 4.25
N PRO C 151 24.43 25.02 3.57
CA PRO C 151 24.28 25.08 2.12
C PRO C 151 24.69 23.84 1.35
N ASP C 152 25.36 22.90 2.02
CA ASP C 152 25.96 21.76 1.35
C ASP C 152 24.91 20.98 0.56
N GLU C 153 25.19 20.74 -0.72
CA GLU C 153 24.17 20.14 -1.57
C GLU C 153 24.06 18.62 -1.47
N PHE C 154 25.18 17.95 -1.27
CA PHE C 154 25.17 16.51 -1.18
C PHE C 154 25.61 16.07 0.19
N ILE C 155 24.67 15.60 0.99
CA ILE C 155 24.96 15.17 2.35
C ILE C 155 24.30 13.80 2.63
N VAL C 156 24.91 13.06 3.55
CA VAL C 156 24.42 11.76 3.95
C VAL C 156 24.60 11.65 5.44
N GLY C 157 24.00 10.62 6.02
CA GLY C 157 24.15 10.40 7.42
C GLY C 157 22.91 10.65 8.23
N TYR C 158 22.85 10.03 9.42
CA TYR C 158 21.80 10.29 10.38
C TYR C 158 20.42 10.11 9.71
N GLY C 159 20.30 9.03 8.94
CA GLY C 159 19.07 8.67 8.21
C GLY C 159 19.04 9.08 6.73
N ILE C 160 19.88 10.05 6.37
CA ILE C 160 19.90 10.60 5.03
C ILE C 160 20.79 9.76 4.14
N ASP C 161 20.28 9.37 2.98
CA ASP C 161 21.04 8.53 2.07
C ASP C 161 21.55 9.16 0.81
N CYS C 162 22.46 8.43 0.17
N CYS C 162 22.53 8.49 0.19
CA CYS C 162 22.96 8.70 -1.15
CA CYS C 162 22.89 8.77 -1.18
C CYS C 162 22.78 7.38 -1.89
C CYS C 162 22.75 7.41 -1.85
N ALA C 163 21.75 7.28 -2.72
CA ALA C 163 21.46 6.02 -3.42
C ALA C 163 21.32 4.87 -2.42
N GLU C 164 20.57 5.14 -1.36
CA GLU C 164 20.29 4.17 -0.33
C GLU C 164 21.43 3.88 0.64
N LYS C 165 22.61 4.42 0.37
CA LYS C 165 23.73 4.17 1.25
C LYS C 165 23.95 5.31 2.25
N TYR C 166 24.68 4.97 3.30
CA TYR C 166 25.08 5.90 4.33
C TYR C 166 24.05 6.42 5.32
N ARG C 167 22.85 5.85 5.34
CA ARG C 167 21.88 6.29 6.31
C ARG C 167 22.34 5.97 7.73
N ASN C 168 23.27 5.04 7.88
CA ASN C 168 23.68 4.60 9.21
C ASN C 168 24.78 5.40 9.88
N LEU C 169 25.33 6.41 9.21
CA LEU C 169 26.38 7.21 9.83
C LEU C 169 25.81 7.95 11.00
N PRO C 170 26.49 7.93 12.16
CA PRO C 170 25.94 8.65 13.31
C PRO C 170 26.12 10.19 13.20
N PHE C 171 26.77 10.63 12.14
CA PHE C 171 27.02 12.05 11.87
C PHE C 171 26.55 12.39 10.47
N ILE C 172 26.50 13.68 10.16
CA ILE C 172 26.10 14.13 8.82
C ILE C 172 27.37 14.56 8.11
N ALA C 173 27.57 14.07 6.89
CA ALA C 173 28.79 14.33 6.12
C ALA C 173 28.51 14.69 4.68
N SER C 174 29.47 15.29 4.00
CA SER C 174 29.27 15.54 2.59
C SER C 174 29.80 14.29 1.87
N VAL C 175 29.27 14.04 0.68
CA VAL C 175 29.75 12.93 -0.16
C VAL C 175 30.18 13.44 -1.51
N VAL C 176 31.14 12.75 -2.12
CA VAL C 176 31.67 13.06 -3.44
C VAL C 176 31.57 11.88 -4.39
N ASN D 5 -26.04 -16.26 7.28
CA ASN D 5 -27.09 -16.79 6.37
C ASN D 5 -27.84 -15.69 5.66
N ILE D 6 -27.41 -15.38 4.45
CA ILE D 6 -28.03 -14.34 3.65
C ILE D 6 -28.61 -15.01 2.39
N GLU D 7 -29.80 -14.58 1.98
CA GLU D 7 -30.38 -15.12 0.78
C GLU D 7 -30.90 -14.00 -0.11
N ILE D 8 -30.89 -14.26 -1.40
CA ILE D 8 -31.41 -13.33 -2.37
C ILE D 8 -32.91 -13.24 -2.16
N LYS D 9 -33.45 -12.03 -2.21
CA LYS D 9 -34.88 -11.86 -2.09
C LYS D 9 -35.48 -11.64 -3.49
N ASP D 10 -35.22 -10.48 -4.08
CA ASP D 10 -35.79 -10.13 -5.38
C ASP D 10 -34.76 -9.49 -6.27
N THR D 11 -34.96 -9.56 -7.58
CA THR D 11 -34.09 -8.82 -8.49
C THR D 11 -34.56 -7.39 -8.48
N LEU D 12 -33.65 -6.46 -8.22
N LEU D 12 -33.66 -6.44 -8.23
CA LEU D 12 -33.99 -5.05 -8.19
CA LEU D 12 -34.05 -5.04 -8.25
C LEU D 12 -33.75 -4.40 -9.57
C LEU D 12 -33.77 -4.41 -9.61
N ILE D 13 -32.63 -4.75 -10.19
CA ILE D 13 -32.27 -4.21 -11.50
C ILE D 13 -31.73 -5.38 -12.31
N SER D 14 -32.39 -5.66 -13.40
CA SER D 14 -31.99 -6.76 -14.26
C SER D 14 -30.73 -6.45 -15.04
N GLU D 15 -30.13 -7.52 -15.54
CA GLU D 15 -28.96 -7.43 -16.39
C GLU D 15 -29.25 -6.47 -17.58
N GLU D 16 -30.38 -6.65 -18.26
CA GLU D 16 -30.74 -5.76 -19.38
C GLU D 16 -30.95 -4.31 -18.96
N GLN D 17 -31.62 -4.06 -17.82
CA GLN D 17 -31.77 -2.68 -17.31
C GLN D 17 -30.42 -2.03 -17.01
N LEU D 18 -29.50 -2.84 -16.48
CA LEU D 18 -28.17 -2.36 -16.21
C LEU D 18 -27.45 -1.98 -17.49
N GLN D 19 -27.45 -2.84 -18.50
N GLN D 19 -27.50 -2.86 -18.48
CA GLN D 19 -26.72 -2.51 -19.71
CA GLN D 19 -26.86 -2.61 -19.74
C GLN D 19 -27.36 -1.32 -20.44
C GLN D 19 -27.37 -1.30 -20.35
N GLU D 20 -28.69 -1.16 -20.36
CA GLU D 20 -29.33 0.00 -20.96
C GLU D 20 -28.86 1.29 -20.28
N LYS D 21 -28.78 1.26 -18.96
CA LYS D 21 -28.41 2.44 -18.22
C LYS D 21 -26.93 2.77 -18.39
N VAL D 22 -26.08 1.74 -18.43
CA VAL D 22 -24.66 1.93 -18.65
C VAL D 22 -24.42 2.63 -20.02
N LYS D 23 -25.13 2.20 -21.06
CA LYS D 23 -25.00 2.85 -22.37
C LYS D 23 -25.41 4.32 -22.30
N GLU D 24 -26.49 4.59 -21.59
N GLU D 24 -26.50 4.59 -21.60
CA GLU D 24 -27.00 5.95 -21.40
CA GLU D 24 -26.98 5.96 -21.44
C GLU D 24 -26.00 6.87 -20.71
C GLU D 24 -25.95 6.87 -20.74
N LEU D 25 -25.35 6.37 -19.67
CA LEU D 25 -24.35 7.17 -18.93
C LEU D 25 -23.13 7.45 -19.78
N ALA D 26 -22.68 6.42 -20.47
CA ALA D 26 -21.55 6.53 -21.39
C ALA D 26 -21.81 7.60 -22.46
N LEU D 27 -23.00 7.60 -23.01
CA LEU D 27 -23.35 8.58 -24.05
C LEU D 27 -23.33 9.99 -23.45
N GLN D 28 -23.82 10.13 -22.22
N GLN D 28 -23.82 10.15 -22.23
CA GLN D 28 -23.83 11.42 -21.52
CA GLN D 28 -23.82 11.48 -21.63
C GLN D 28 -22.38 11.89 -21.37
C GLN D 28 -22.38 11.91 -21.35
N ILE D 29 -21.54 10.98 -20.90
CA ILE D 29 -20.13 11.26 -20.68
C ILE D 29 -19.44 11.64 -21.98
N GLU D 30 -19.69 10.87 -23.04
CA GLU D 30 -19.11 11.17 -24.33
C GLU D 30 -19.51 12.58 -24.80
N ARG D 31 -20.77 12.95 -24.64
CA ARG D 31 -21.17 14.30 -25.05
C ARG D 31 -20.51 15.39 -24.20
N ASP D 32 -20.49 15.18 -22.88
CA ASP D 32 -19.94 16.18 -21.94
C ASP D 32 -18.46 16.47 -22.18
N PHE D 33 -17.72 15.47 -22.66
CA PHE D 33 -16.31 15.60 -22.92
C PHE D 33 -15.93 15.34 -24.36
N GLU D 34 -16.82 15.72 -25.28
CA GLU D 34 -16.63 15.48 -26.68
C GLU D 34 -15.35 16.11 -27.19
N GLY D 35 -14.56 15.29 -27.86
CA GLY D 35 -13.31 15.68 -28.43
C GLY D 35 -12.16 15.73 -27.43
N GLU D 36 -12.40 15.30 -26.19
CA GLU D 36 -11.35 15.37 -25.17
C GLU D 36 -11.02 14.00 -24.59
N GLU D 37 -9.84 13.91 -24.00
CA GLU D 37 -9.42 12.72 -23.27
C GLU D 37 -10.13 12.71 -21.92
N ILE D 38 -10.33 11.53 -21.37
CA ILE D 38 -10.94 11.41 -20.06
C ILE D 38 -10.14 10.41 -19.25
N VAL D 39 -10.04 10.65 -17.96
CA VAL D 39 -9.40 9.72 -17.05
C VAL D 39 -10.53 9.20 -16.15
N VAL D 40 -10.70 7.91 -16.11
CA VAL D 40 -11.73 7.29 -15.31
C VAL D 40 -11.01 6.66 -14.11
N ILE D 41 -11.42 7.01 -12.89
CA ILE D 41 -10.83 6.43 -11.71
C ILE D 41 -11.92 5.61 -11.00
N ALA D 42 -11.71 4.32 -10.90
CA ALA D 42 -12.72 3.47 -10.25
C ALA D 42 -12.36 3.26 -8.78
N VAL D 43 -13.36 3.38 -7.91
CA VAL D 43 -13.15 3.24 -6.49
C VAL D 43 -13.31 1.75 -6.22
N LEU D 44 -12.23 1.09 -5.81
CA LEU D 44 -12.31 -0.35 -5.56
C LEU D 44 -13.13 -0.62 -4.30
N LYS D 45 -13.70 -1.81 -4.16
CA LYS D 45 -13.61 -2.91 -5.12
C LYS D 45 -14.84 -3.04 -6.00
N GLY D 46 -16.00 -2.78 -5.41
CA GLY D 46 -17.30 -2.98 -6.06
C GLY D 46 -17.68 -2.25 -7.35
N SER D 47 -16.92 -1.25 -7.73
CA SER D 47 -17.21 -0.52 -8.93
C SER D 47 -16.53 -1.14 -10.17
N PHE D 48 -15.67 -2.15 -10.01
CA PHE D 48 -14.92 -2.64 -11.18
C PHE D 48 -15.77 -3.22 -12.30
N VAL D 49 -16.89 -3.84 -11.97
CA VAL D 49 -17.78 -4.40 -13.02
C VAL D 49 -18.44 -3.26 -13.82
N PHE D 50 -19.05 -2.32 -13.10
CA PHE D 50 -19.65 -1.14 -13.70
C PHE D 50 -18.62 -0.39 -14.54
N ALA D 51 -17.42 -0.23 -14.01
CA ALA D 51 -16.40 0.45 -14.72
C ALA D 51 -16.03 -0.27 -16.00
N ALA D 52 -15.88 -1.59 -15.94
CA ALA D 52 -15.53 -2.40 -17.11
C ALA D 52 -16.58 -2.24 -18.21
N ASP D 53 -17.83 -2.24 -17.82
CA ASP D 53 -18.91 -2.08 -18.82
C ASP D 53 -19.02 -0.66 -19.33
N LEU D 54 -18.91 0.31 -18.42
CA LEU D 54 -19.00 1.71 -18.79
C LEU D 54 -17.94 2.14 -19.82
N ILE D 55 -16.68 1.80 -19.56
CA ILE D 55 -15.62 2.29 -20.42
C ILE D 55 -15.68 1.70 -21.83
N ARG D 56 -16.27 0.52 -21.94
CA ARG D 56 -16.44 -0.13 -23.23
C ARG D 56 -17.51 0.52 -24.09
N HIS D 57 -18.20 1.50 -23.53
CA HIS D 57 -19.17 2.28 -24.28
C HIS D 57 -18.72 3.70 -24.47
N ILE D 58 -17.53 4.03 -23.99
CA ILE D 58 -17.01 5.38 -24.13
C ILE D 58 -15.90 5.31 -25.18
N LYS D 59 -16.09 6.00 -26.30
CA LYS D 59 -15.12 5.93 -27.38
C LYS D 59 -14.03 6.99 -27.31
N ASN D 60 -14.17 7.96 -26.42
CA ASN D 60 -13.10 8.94 -26.19
C ASN D 60 -11.82 8.19 -25.79
N ASP D 61 -10.67 8.82 -25.97
CA ASP D 61 -9.40 8.35 -25.43
C ASP D 61 -9.64 8.28 -23.91
N VAL D 62 -9.46 7.11 -23.33
CA VAL D 62 -9.72 6.88 -21.93
C VAL D 62 -8.46 6.31 -21.27
N THR D 63 -8.17 6.81 -20.08
CA THR D 63 -7.12 6.27 -19.22
C THR D 63 -7.87 5.79 -17.99
N ILE D 64 -7.49 4.66 -17.42
CA ILE D 64 -8.18 4.21 -16.21
C ILE D 64 -7.20 3.92 -15.07
N ASP D 65 -7.66 4.17 -13.86
CA ASP D 65 -6.86 3.87 -12.70
C ASP D 65 -7.83 3.58 -11.57
N PHE D 66 -7.27 3.17 -10.43
CA PHE D 66 -8.06 2.75 -9.31
C PHE D 66 -7.59 3.43 -8.03
N ILE D 67 -8.52 3.59 -7.10
CA ILE D 67 -8.19 4.13 -5.80
C ILE D 67 -8.86 3.26 -4.77
N SER D 68 -8.21 3.11 -3.63
N SER D 68 -8.24 3.12 -3.61
CA SER D 68 -8.75 2.35 -2.49
CA SER D 68 -8.84 2.37 -2.52
C SER D 68 -8.71 3.23 -1.24
C SER D 68 -8.71 3.20 -1.25
N ALA D 69 -9.81 3.24 -0.51
CA ALA D 69 -9.88 4.05 0.72
C ALA D 69 -10.78 3.33 1.70
N SER D 70 -10.78 3.78 2.95
CA SER D 70 -11.68 3.22 3.96
C SER D 70 -11.86 4.20 5.12
N SER D 71 -12.97 4.09 5.84
CA SER D 71 -13.19 4.93 7.03
C SER D 71 -12.26 4.48 8.14
N TYR D 72 -12.02 5.38 9.10
CA TYR D 72 -11.17 5.08 10.23
C TYR D 72 -12.01 4.46 11.33
N LYS D 81 -13.36 11.82 8.25
CA LYS D 81 -12.11 11.49 7.57
C LYS D 81 -12.14 10.09 6.95
N VAL D 82 -11.24 9.91 6.01
CA VAL D 82 -11.11 8.69 5.26
C VAL D 82 -9.61 8.35 5.13
N LYS D 83 -9.27 7.05 5.21
CA LYS D 83 -7.89 6.60 5.05
C LYS D 83 -7.65 6.17 3.62
N LEU D 84 -6.58 6.69 2.99
CA LEU D 84 -6.25 6.30 1.61
C LEU D 84 -5.33 5.08 1.65
N LEU D 85 -5.79 3.97 1.08
CA LEU D 85 -5.03 2.72 1.06
C LEU D 85 -4.16 2.61 -0.19
N LYS D 86 -4.69 3.07 -1.29
CA LYS D 86 -4.00 3.03 -2.58
C LYS D 86 -4.38 4.28 -3.35
N ASP D 87 -3.40 5.11 -3.60
CA ASP D 87 -3.58 6.34 -4.34
C ASP D 87 -3.42 6.04 -5.82
N ILE D 88 -3.80 6.99 -6.67
CA ILE D 88 -3.65 6.81 -8.11
C ILE D 88 -2.19 6.93 -8.56
N ASP D 89 -1.88 6.25 -9.66
CA ASP D 89 -0.59 6.33 -10.32
C ASP D 89 -0.60 7.31 -11.49
N VAL D 90 -1.74 7.45 -12.16
CA VAL D 90 -1.77 8.26 -13.36
C VAL D 90 -1.82 9.76 -13.07
N ASN D 91 -1.43 10.51 -14.07
CA ASN D 91 -1.49 11.98 -14.03
C ASN D 91 -2.92 12.45 -14.36
N ILE D 92 -3.53 13.24 -13.48
CA ILE D 92 -4.83 13.83 -13.74
C ILE D 92 -4.73 15.37 -13.79
N THR D 93 -3.54 15.91 -13.59
CA THR D 93 -3.34 17.38 -13.61
C THR D 93 -3.73 17.94 -14.98
N GLY D 94 -4.70 18.84 -15.01
CA GLY D 94 -5.17 19.39 -16.30
C GLY D 94 -6.01 18.41 -17.12
N LYS D 95 -6.43 17.31 -16.51
CA LYS D 95 -7.26 16.34 -17.20
C LYS D 95 -8.71 16.30 -16.71
N ASN D 96 -9.56 15.75 -17.55
CA ASN D 96 -10.97 15.53 -17.22
C ASN D 96 -11.07 14.23 -16.48
N VAL D 97 -11.59 14.29 -15.27
CA VAL D 97 -11.63 13.11 -14.43
C VAL D 97 -13.03 12.72 -14.05
N ILE D 98 -13.33 11.45 -14.21
CA ILE D 98 -14.60 10.91 -13.79
C ILE D 98 -14.30 9.78 -12.80
N VAL D 99 -14.76 9.97 -11.57
CA VAL D 99 -14.62 9.01 -10.48
C VAL D 99 -15.87 8.15 -10.48
N VAL D 100 -15.69 6.84 -10.61
CA VAL D 100 -16.76 5.86 -10.76
C VAL D 100 -16.91 5.03 -9.50
N GLU D 101 -18.14 4.95 -9.02
CA GLU D 101 -18.45 4.23 -7.78
C GLU D 101 -19.67 3.36 -8.06
N ASP D 102 -19.82 2.33 -7.24
CA ASP D 102 -20.99 1.47 -7.29
C ASP D 102 -22.22 2.14 -6.68
N ILE D 103 -22.06 2.64 -5.45
CA ILE D 103 -23.13 3.23 -4.69
C ILE D 103 -22.61 4.43 -3.92
N ILE D 104 -23.43 5.46 -3.81
CA ILE D 104 -23.10 6.58 -2.96
C ILE D 104 -24.22 6.56 -1.94
N ASP D 105 -23.84 6.47 -0.67
CA ASP D 105 -24.83 6.52 0.39
C ASP D 105 -24.54 7.69 1.32
N SER D 106 -23.54 7.57 2.20
CA SER D 106 -23.19 8.66 3.14
C SER D 106 -22.49 9.78 2.40
N GLY D 107 -21.75 9.43 1.35
CA GLY D 107 -21.01 10.42 0.56
C GLY D 107 -19.67 10.84 1.17
N LEU D 108 -19.30 10.24 2.29
CA LEU D 108 -18.10 10.66 3.03
C LEU D 108 -16.80 10.30 2.31
N THR D 109 -16.65 9.02 1.97
CA THR D 109 -15.46 8.62 1.25
C THR D 109 -15.30 9.43 0.01
N LEU D 110 -16.40 9.59 -0.73
CA LEU D 110 -16.36 10.30 -1.97
C LEU D 110 -16.07 11.80 -1.78
N HIS D 111 -16.62 12.41 -0.75
CA HIS D 111 -16.35 13.83 -0.50
C HIS D 111 -14.84 14.05 -0.21
N PHE D 112 -14.26 13.11 0.51
N PHE D 112 -14.23 13.12 0.52
CA PHE D 112 -12.86 13.17 0.88
CA PHE D 112 -12.77 13.17 0.80
C PHE D 112 -12.06 12.98 -0.41
C PHE D 112 -12.05 13.02 -0.49
N LEU D 113 -12.44 11.98 -1.22
CA LEU D 113 -11.76 11.69 -2.46
C LEU D 113 -11.85 12.88 -3.36
N LYS D 114 -12.96 13.63 -3.26
CA LYS D 114 -13.11 14.82 -4.08
C LYS D 114 -12.10 15.87 -3.72
N ASP D 115 -11.93 16.10 -2.42
CA ASP D 115 -10.94 17.04 -1.96
C ASP D 115 -9.53 16.54 -2.32
N HIS D 116 -9.32 15.25 -2.19
CA HIS D 116 -8.03 14.64 -2.51
C HIS D 116 -7.66 14.87 -3.97
N PHE D 117 -8.58 14.58 -4.89
CA PHE D 117 -8.26 14.75 -6.30
C PHE D 117 -8.17 16.19 -6.69
N PHE D 118 -8.93 17.07 -6.01
CA PHE D 118 -8.83 18.49 -6.33
C PHE D 118 -7.43 19.00 -6.06
N MET D 119 -6.72 18.37 -5.13
CA MET D 119 -5.36 18.80 -4.86
C MET D 119 -4.43 18.54 -6.07
N HIS D 120 -4.80 17.63 -6.97
CA HIS D 120 -4.02 17.37 -8.17
C HIS D 120 -4.25 18.36 -9.33
N LYS D 121 -5.17 19.28 -9.15
CA LYS D 121 -5.51 20.30 -10.16
C LYS D 121 -5.99 19.75 -11.48
N PRO D 122 -6.99 18.89 -11.44
CA PRO D 122 -7.57 18.40 -12.71
C PRO D 122 -8.34 19.49 -13.44
N LYS D 123 -8.53 19.32 -14.72
CA LYS D 123 -9.35 20.27 -15.49
C LYS D 123 -10.81 20.21 -15.04
N ALA D 124 -11.32 19.00 -14.81
CA ALA D 124 -12.71 18.82 -14.39
C ALA D 124 -12.72 17.55 -13.55
N LEU D 125 -13.62 17.48 -12.59
CA LEU D 125 -13.72 16.33 -11.70
C LEU D 125 -15.18 16.07 -11.50
N LYS D 126 -15.65 14.94 -12.01
CA LYS D 126 -17.06 14.58 -11.92
C LYS D 126 -17.16 13.21 -11.27
N PHE D 127 -18.33 12.92 -10.70
CA PHE D 127 -18.58 11.65 -10.07
C PHE D 127 -19.72 10.92 -10.77
N CYS D 128 -19.49 9.65 -11.02
CA CYS D 128 -20.44 8.79 -11.69
C CYS D 128 -20.73 7.55 -10.81
N THR D 129 -21.95 7.43 -10.34
CA THR D 129 -22.31 6.30 -9.51
C THR D 129 -23.43 5.50 -10.16
N LEU D 130 -23.36 4.20 -10.06
CA LEU D 130 -24.41 3.40 -10.64
C LEU D 130 -25.69 3.57 -9.83
N LEU D 131 -25.53 3.54 -8.52
CA LEU D 131 -26.64 3.62 -7.60
C LEU D 131 -26.46 4.74 -6.59
N ASP D 132 -27.57 5.34 -6.21
CA ASP D 132 -27.56 6.40 -5.23
C ASP D 132 -28.71 6.15 -4.22
N LYS D 133 -28.37 6.23 -2.95
CA LYS D 133 -29.32 6.15 -1.83
C LYS D 133 -29.24 7.55 -1.20
N PRO D 134 -29.95 8.53 -1.77
CA PRO D 134 -29.84 9.90 -1.33
C PRO D 134 -30.27 10.12 0.14
N GLU D 135 -31.16 9.27 0.65
CA GLU D 135 -31.62 9.35 2.04
C GLU D 135 -30.46 9.08 3.02
N ARG D 136 -29.38 8.48 2.54
CA ARG D 136 -28.26 8.13 3.41
C ARG D 136 -27.15 9.19 3.61
N ARG D 137 -27.26 10.35 2.97
CA ARG D 137 -26.20 11.35 3.01
C ARG D 137 -25.76 11.86 4.39
N LYS D 138 -24.45 12.00 4.57
CA LYS D 138 -23.84 12.55 5.79
C LYS D 138 -23.14 13.87 5.47
N VAL D 139 -23.09 14.22 4.20
CA VAL D 139 -22.43 15.43 3.74
C VAL D 139 -23.01 15.74 2.36
N ASP D 140 -23.00 17.00 1.97
CA ASP D 140 -23.58 17.37 0.68
C ASP D 140 -22.71 16.87 -0.48
N LEU D 141 -23.21 15.93 -1.25
CA LEU D 141 -22.47 15.45 -2.42
C LEU D 141 -23.43 14.96 -3.47
N THR D 142 -23.41 15.61 -4.62
CA THR D 142 -24.28 15.27 -5.74
C THR D 142 -23.40 14.74 -6.87
N ALA D 143 -23.65 13.51 -7.29
CA ALA D 143 -22.93 12.93 -8.41
C ALA D 143 -23.50 13.49 -9.71
N GLU D 144 -22.62 13.86 -10.62
CA GLU D 144 -23.08 14.34 -11.92
C GLU D 144 -23.82 13.30 -12.76
N TYR D 145 -23.40 12.05 -12.63
CA TYR D 145 -23.96 10.94 -13.38
C TYR D 145 -24.44 9.94 -12.34
N VAL D 146 -25.72 9.61 -12.39
CA VAL D 146 -26.32 8.70 -11.44
C VAL D 146 -27.12 7.70 -12.26
N GLY D 147 -26.85 6.42 -12.12
CA GLY D 147 -27.65 5.45 -12.86
C GLY D 147 -29.10 5.36 -12.32
N PHE D 148 -29.23 5.04 -11.04
CA PHE D 148 -30.53 4.86 -10.41
C PHE D 148 -30.50 5.28 -8.97
N GLN D 149 -31.55 5.96 -8.53
CA GLN D 149 -31.76 6.24 -7.10
C GLN D 149 -32.58 5.06 -6.64
N ILE D 150 -32.16 4.42 -5.55
CA ILE D 150 -32.82 3.20 -5.07
C ILE D 150 -33.20 3.29 -3.59
N PRO D 151 -34.14 2.44 -3.15
CA PRO D 151 -34.50 2.41 -1.74
C PRO D 151 -33.29 2.03 -0.90
N ASP D 152 -33.31 2.41 0.37
CA ASP D 152 -32.20 2.12 1.24
C ASP D 152 -32.34 0.72 1.78
N GLU D 153 -31.92 -0.24 0.97
CA GLU D 153 -31.96 -1.61 1.39
C GLU D 153 -30.63 -2.29 1.04
N PHE D 154 -30.46 -3.50 1.54
CA PHE D 154 -29.24 -4.24 1.31
C PHE D 154 -29.25 -4.81 -0.08
N ILE D 155 -28.28 -4.45 -0.88
CA ILE D 155 -28.24 -4.98 -2.23
C ILE D 155 -26.91 -5.65 -2.55
N VAL D 156 -26.95 -6.51 -3.56
CA VAL D 156 -25.78 -7.24 -4.01
C VAL D 156 -25.86 -7.45 -5.50
N GLY D 157 -24.74 -7.86 -6.06
CA GLY D 157 -24.67 -8.11 -7.47
C GLY D 157 -23.92 -7.08 -8.27
N TYR D 158 -23.48 -7.49 -9.47
CA TYR D 158 -22.86 -6.58 -10.41
C TYR D 158 -21.69 -5.86 -9.76
N GLY D 159 -20.83 -6.63 -9.11
CA GLY D 159 -19.67 -6.10 -8.39
C GLY D 159 -19.87 -5.87 -6.90
N ILE D 160 -21.12 -5.69 -6.48
CA ILE D 160 -21.45 -5.32 -5.09
C ILE D 160 -21.61 -6.56 -4.20
N ASP D 161 -20.98 -6.59 -3.03
CA ASP D 161 -21.03 -7.74 -2.16
C ASP D 161 -21.89 -7.58 -0.93
N CYS D 162 -22.16 -8.72 -0.32
CA CYS D 162 -22.68 -8.78 1.06
C CYS D 162 -21.71 -9.73 1.71
N ALA D 163 -20.86 -9.21 2.61
CA ALA D 163 -19.82 -10.00 3.24
C ALA D 163 -19.02 -10.86 2.23
N GLU D 164 -18.58 -10.17 1.18
CA GLU D 164 -17.75 -10.70 0.09
C GLU D 164 -18.47 -11.60 -0.92
N LYS D 165 -19.74 -11.88 -0.67
N LYS D 165 -19.73 -11.91 -0.65
CA LYS D 165 -20.54 -12.75 -1.52
CA LYS D 165 -20.54 -12.78 -1.51
C LYS D 165 -21.40 -11.98 -2.52
C LYS D 165 -21.41 -11.99 -2.50
N TYR D 166 -21.76 -12.67 -3.60
CA TYR D 166 -22.65 -12.19 -4.64
C TYR D 166 -22.18 -11.16 -5.65
N ARG D 167 -20.89 -10.85 -5.65
CA ARG D 167 -20.41 -9.86 -6.62
C ARG D 167 -20.51 -10.35 -8.03
N ASN D 168 -20.60 -11.69 -8.20
CA ASN D 168 -20.68 -12.31 -9.51
C ASN D 168 -22.08 -12.37 -10.17
N LEU D 169 -23.13 -11.97 -9.46
CA LEU D 169 -24.47 -11.95 -10.06
C LEU D 169 -24.47 -10.91 -11.17
N PRO D 170 -25.04 -11.24 -12.32
CA PRO D 170 -25.05 -10.25 -13.40
C PRO D 170 -26.16 -9.21 -13.29
N PHE D 171 -26.95 -9.31 -12.23
CA PHE D 171 -28.00 -8.36 -11.91
C PHE D 171 -27.86 -7.91 -10.48
N ILE D 172 -28.63 -6.90 -10.12
CA ILE D 172 -28.65 -6.39 -8.77
C ILE D 172 -29.90 -6.89 -8.09
N ALA D 173 -29.71 -7.46 -6.90
CA ALA D 173 -30.74 -8.06 -6.10
C ALA D 173 -30.73 -7.56 -4.68
N SER D 174 -31.87 -7.63 -4.03
CA SER D 174 -31.95 -7.36 -2.64
C SER D 174 -31.68 -8.70 -1.93
N VAL D 175 -31.24 -8.63 -0.68
CA VAL D 175 -30.96 -9.82 0.12
C VAL D 175 -31.59 -9.66 1.48
N VAL D 176 -31.91 -10.78 2.14
CA VAL D 176 -32.48 -10.78 3.51
C VAL D 176 -31.77 -11.85 4.34
C1 GOL E . 5.81 -11.35 -15.44
O1 GOL E . 6.19 -10.03 -15.68
C2 GOL E . 4.32 -11.53 -15.66
O2 GOL E . 3.86 -12.70 -15.01
C3 GOL E . 4.08 -11.48 -17.17
O3 GOL E . 4.41 -12.68 -17.80
S SO4 F . -1.10 -3.14 -16.15
O1 SO4 F . -0.96 -1.72 -16.43
O2 SO4 F . -2.29 -3.59 -16.86
O3 SO4 F . 0.00 -3.93 -16.65
O4 SO4 F . -1.27 -3.23 -14.70
S SO4 G . -24.92 -17.44 -18.16
O1 SO4 G . -25.08 -16.15 -17.46
O2 SO4 G . -25.95 -18.38 -17.70
O3 SO4 G . -25.09 -17.22 -19.60
O4 SO4 G . -23.58 -17.94 -17.85
C1 BME H . 3.57 -0.10 -28.50
C2 BME H . 2.93 -0.87 -27.33
O1 BME H . 4.85 0.35 -28.07
S2 BME H . 2.75 0.23 -25.91
S SO4 I . 3.49 -2.02 16.40
O1 SO4 I . 4.74 -1.60 17.09
O2 SO4 I . 3.24 -3.41 16.79
O3 SO4 I . 2.41 -1.16 16.84
O4 SO4 I . 3.57 -1.93 14.96
S SO4 J . 5.54 -12.79 16.13
O1 SO4 J . 6.07 -13.19 17.45
O2 SO4 J . 4.25 -13.45 15.92
O3 SO4 J . 5.36 -11.35 16.05
O4 SO4 J . 6.47 -13.14 15.07
C1 BME K . -1.69 -4.03 28.71
C2 BME K . -0.64 -3.28 27.90
O1 BME K . -2.77 -4.40 27.86
S2 BME K . -1.22 -3.06 26.19
C1 GOL L . 9.46 17.38 1.89
C1 GOL L . 9.04 18.46 0.13
O1 GOL L . 10.56 17.62 2.75
O1 GOL L . 8.69 19.01 1.38
C2 GOL L . 9.34 18.53 0.91
C2 GOL L . 10.53 18.21 0.00
O2 GOL L . 9.23 17.99 -0.40
O2 GOL L . 11.28 19.35 0.39
C3 GOL L . 10.60 19.35 1.15
C3 GOL L . 10.85 17.85 -1.44
O3 GOL L . 11.35 19.59 -0.02
O3 GOL L . 9.66 17.86 -2.20
S SO4 M . 14.01 9.16 1.69
O1 SO4 M . 14.85 8.31 0.88
O2 SO4 M . 12.76 8.44 1.88
O3 SO4 M . 14.71 9.42 2.93
O4 SO4 M . 13.79 10.44 1.03
C1 BME N . 25.63 12.57 -4.91
C2 BME N . 24.81 12.27 -3.65
O1 BME N . 25.47 11.57 -5.91
S2 BME N . 23.52 11.01 -3.96
S SO4 O . -16.10 -2.96 -1.44
O1 SO4 O . -14.86 -2.28 -1.74
O2 SO4 O . -16.93 -2.06 -0.65
O3 SO4 O . -16.89 -3.26 -2.65
O4 SO4 O . -15.81 -4.20 -0.77
S SO4 P . -21.37 1.08 -28.74
O1 SO4 P . -20.51 1.32 -29.90
O2 SO4 P . -22.70 1.57 -29.06
O3 SO4 P . -21.50 -0.34 -28.47
O4 SO4 P . -20.84 1.78 -27.55
S SO4 Q . -19.46 7.04 0.12
O1 SO4 Q . -19.00 8.22 -0.61
O2 SO4 Q . -20.93 6.94 0.16
O3 SO4 Q . -18.95 5.84 -0.56
O4 SO4 Q . -18.92 7.07 1.49
S SO4 R . -25.45 -0.72 3.82
O1 SO4 R . -24.67 0.43 3.37
O2 SO4 R . -26.38 -1.15 2.78
O3 SO4 R . -24.53 -1.81 4.12
O4 SO4 R . -26.23 -0.37 5.01
C1 BME S . -27.07 -7.91 4.19
C2 BME S . -26.01 -7.19 3.35
O1 BME S . -26.72 -7.81 5.57
S2 BME S . -24.37 -7.74 3.89
#